data_5JKJ
#
_entry.id   5JKJ
#
_cell.length_a   58.619
_cell.length_b   68.898
_cell.length_c   82.524
_cell.angle_alpha   90.00
_cell.angle_beta   91.11
_cell.angle_gamma   90.00
#
_symmetry.space_group_name_H-M   'P 1 21 1'
#
loop_
_entity.id
_entity.type
_entity.pdbx_description
1 polymer 'Esterase E22'
2 water water
#
_entity_poly.entity_id   1
_entity_poly.type   'polypeptide(L)'
_entity_poly.pdbx_seq_one_letter_code
;MVEKRVFEMPHFTTFGGKQIKNVKVGWEAYGTLNDAKSNVILITHYFSGSSHAAGKYDENDPAPGYWDSIIGPGKAIDTD
RFYVISVDTLANLNAYDPHVITTGPTSINPDTGKPYGLDFPVVTIRDFVNVQKALLESLGISKLYAVIGPSMGSMQAIDW
ASAYPGWVERMISVIGAGQSDAWTTAALEHWATPITLDKNWNNGAYSKEQAPLNGLAASLMLITQNALTPSFFNQTGNTL
GYKNVESAPLNDIRQSHSIVNWLRERAKTRAKSMDANHLLYLVRACQLFVAGHQGNLEQGLASIKAKTLFIPAQTDLLLM
PYLSQSAHQGLTSMNNDSTLVTLNGKLGHDEGVTNVSAQAQAIRQFLEND
;
_entity_poly.pdbx_strand_id   A,B
#
# COMPACT_ATOMS: atom_id res chain seq x y z
N MET A 1 33.42 -8.67 19.69
CA MET A 1 32.46 -7.62 19.36
C MET A 1 32.68 -7.04 17.98
N VAL A 2 31.99 -5.92 17.73
CA VAL A 2 32.14 -5.11 16.53
C VAL A 2 32.44 -3.69 16.96
N GLU A 3 33.42 -3.06 16.31
CA GLU A 3 33.72 -1.65 16.50
C GLU A 3 33.13 -0.85 15.36
N LYS A 4 32.35 0.17 15.69
CA LYS A 4 31.87 1.11 14.68
C LYS A 4 32.99 2.04 14.27
N ARG A 5 33.17 2.20 12.96
CA ARG A 5 34.24 3.03 12.39
C ARG A 5 33.61 4.19 11.64
N VAL A 6 34.43 5.18 11.31
CA VAL A 6 33.96 6.35 10.56
C VAL A 6 34.90 6.59 9.38
N PHE A 7 34.32 6.92 8.23
CA PHE A 7 35.04 7.27 7.02
C PHE A 7 34.67 8.69 6.64
N GLU A 8 35.67 9.50 6.34
CA GLU A 8 35.46 10.91 6.02
C GLU A 8 36.00 11.22 4.63
N MET A 9 35.21 11.96 3.85
CA MET A 9 35.64 12.49 2.56
C MET A 9 35.52 14.00 2.62
N PRO A 10 36.60 14.76 2.46
CA PRO A 10 36.44 16.22 2.55
C PRO A 10 35.55 16.80 1.48
N HIS A 11 35.55 16.23 0.28
CA HIS A 11 34.77 16.74 -0.83
C HIS A 11 34.24 15.57 -1.64
N PHE A 12 32.97 15.66 -2.03
CA PHE A 12 32.29 14.58 -2.72
C PHE A 12 31.40 15.16 -3.82
N THR A 13 31.46 14.58 -5.01
CA THR A 13 30.62 14.97 -6.12
C THR A 13 29.45 14.01 -6.26
N THR A 14 28.23 14.54 -6.29
CA THR A 14 27.06 13.68 -6.42
C THR A 14 26.78 13.35 -7.89
N PHE A 15 25.99 12.28 -8.08
CA PHE A 15 25.53 11.92 -9.40
C PHE A 15 24.74 13.05 -10.06
N GLY A 16 24.00 13.81 -9.27
CA GLY A 16 23.31 14.98 -9.80
C GLY A 16 24.21 16.16 -10.09
N GLY A 17 25.51 16.05 -9.86
CA GLY A 17 26.44 17.11 -10.25
C GLY A 17 26.70 18.17 -9.20
N LYS A 18 26.38 17.89 -7.93
CA LYS A 18 26.53 18.83 -6.84
C LYS A 18 27.66 18.39 -5.92
N GLN A 19 28.08 19.31 -5.06
CA GLN A 19 29.16 19.06 -4.12
C GLN A 19 28.58 18.87 -2.72
N ILE A 20 29.12 17.91 -1.99
CA ILE A 20 28.92 17.78 -0.55
C ILE A 20 30.29 17.85 0.10
N LYS A 21 30.44 18.75 1.06
CA LYS A 21 31.67 18.85 1.83
C LYS A 21 31.53 18.11 3.16
N ASN A 22 32.66 17.63 3.67
CA ASN A 22 32.74 17.01 4.99
C ASN A 22 31.81 15.80 5.11
N VAL A 23 31.86 14.93 4.11
CA VAL A 23 31.08 13.69 4.17
C VAL A 23 31.64 12.80 5.27
N LYS A 24 30.75 12.27 6.12
CA LYS A 24 31.11 11.29 7.12
C LYS A 24 30.08 10.17 7.08
N VAL A 25 30.54 8.92 7.02
CA VAL A 25 29.66 7.77 7.09
C VAL A 25 30.27 6.74 8.04
N GLY A 26 29.41 6.03 8.76
CA GLY A 26 29.87 4.92 9.58
C GLY A 26 30.10 3.67 8.77
N TRP A 27 30.92 2.77 9.32
CA TRP A 27 31.16 1.49 8.67
C TRP A 27 31.65 0.51 9.72
N GLU A 28 31.65 -0.76 9.36
CA GLU A 28 32.19 -1.79 10.22
C GLU A 28 32.56 -2.98 9.35
N ALA A 29 33.35 -3.89 9.93
CA ALA A 29 33.75 -5.06 9.18
C ALA A 29 34.01 -6.24 10.12
N TYR A 30 33.88 -7.43 9.55
CA TYR A 30 34.07 -8.69 10.27
C TYR A 30 35.05 -9.55 9.48
N GLY A 31 35.80 -10.38 10.18
CA GLY A 31 36.80 -11.19 9.51
C GLY A 31 38.09 -10.43 9.29
N THR A 32 38.96 -11.03 8.47
CA THR A 32 40.31 -10.53 8.28
C THR A 32 40.60 -10.35 6.80
N LEU A 33 41.07 -9.16 6.44
CA LEU A 33 41.50 -8.86 5.08
C LEU A 33 42.78 -9.63 4.78
N ASN A 34 42.79 -10.43 3.72
CA ASN A 34 43.98 -11.21 3.41
C ASN A 34 45.03 -10.32 2.72
N ASP A 35 46.24 -10.87 2.55
CA ASP A 35 47.36 -10.04 2.08
C ASP A 35 47.12 -9.51 0.67
N ALA A 36 46.47 -10.32 -0.19
CA ALA A 36 46.13 -9.88 -1.53
C ALA A 36 44.93 -8.96 -1.57
N LYS A 37 44.26 -8.76 -0.43
CA LYS A 37 43.01 -8.02 -0.36
C LYS A 37 42.01 -8.58 -1.37
N SER A 38 41.99 -9.90 -1.52
CA SER A 38 41.20 -10.56 -2.55
C SER A 38 39.96 -11.25 -2.00
N ASN A 39 39.67 -11.10 -0.70
CA ASN A 39 38.59 -11.81 -0.04
C ASN A 39 37.53 -10.86 0.49
N VAL A 40 37.31 -9.71 -0.16
CA VAL A 40 36.41 -8.67 0.36
C VAL A 40 34.97 -8.90 -0.12
N ILE A 41 34.05 -8.96 0.83
CA ILE A 41 32.63 -9.03 0.53
C ILE A 41 31.97 -7.80 1.13
N LEU A 42 31.34 -6.99 0.29
CA LEU A 42 30.65 -5.79 0.73
C LEU A 42 29.17 -6.09 0.90
N ILE A 43 28.64 -5.76 2.09
CA ILE A 43 27.20 -5.84 2.38
C ILE A 43 26.62 -4.46 2.24
N THR A 44 25.56 -4.32 1.44
CA THR A 44 24.89 -3.04 1.23
C THR A 44 23.49 -3.09 1.85
N HIS A 45 23.13 -2.07 2.63
CA HIS A 45 21.99 -2.20 3.52
C HIS A 45 20.67 -1.67 2.92
N TYR A 46 19.57 -2.13 3.53
CA TYR A 46 18.20 -1.87 3.09
C TYR A 46 17.75 -0.47 3.54
N PHE A 47 16.53 -0.09 3.15
CA PHE A 47 16.07 1.29 3.27
C PHE A 47 16.22 1.84 4.70
N SER A 48 15.77 1.08 5.70
CA SER A 48 15.81 1.53 7.09
C SER A 48 16.99 0.95 7.86
N GLY A 49 18.00 0.45 7.16
CA GLY A 49 19.09 -0.28 7.78
C GLY A 49 20.31 0.59 8.02
N SER A 50 21.40 -0.09 8.37
CA SER A 50 22.68 0.53 8.67
C SER A 50 23.78 -0.45 8.31
N SER A 51 25.03 -0.05 8.57
CA SER A 51 26.18 -0.93 8.41
C SER A 51 26.14 -2.15 9.34
N HIS A 52 25.20 -2.21 10.29
CA HIS A 52 25.27 -3.22 11.34
C HIS A 52 24.63 -4.51 10.87
N ALA A 53 25.36 -5.22 10.02
CA ALA A 53 24.87 -6.44 9.40
C ALA A 53 25.03 -7.67 10.28
N ALA A 54 25.94 -7.63 11.27
CA ALA A 54 26.20 -8.79 12.10
C ALA A 54 26.81 -8.34 13.42
N GLY A 55 26.79 -9.27 14.38
CA GLY A 55 27.52 -9.10 15.64
C GLY A 55 26.86 -8.08 16.55
N LYS A 56 27.58 -7.76 17.62
CA LYS A 56 27.12 -6.80 18.62
C LYS A 56 28.19 -5.76 18.89
N TYR A 57 27.76 -4.53 19.18
CA TYR A 57 28.69 -3.52 19.65
C TYR A 57 28.97 -3.68 21.14
N ASP A 58 27.96 -4.15 21.88
CA ASP A 58 28.06 -4.40 23.31
C ASP A 58 27.36 -5.73 23.59
N GLU A 59 27.95 -6.54 24.48
CA GLU A 59 27.37 -7.84 24.82
C GLU A 59 25.90 -7.74 25.19
N ASN A 60 25.50 -6.63 25.79
CA ASN A 60 24.13 -6.50 26.27
C ASN A 60 23.23 -5.79 25.27
N ASP A 61 23.69 -5.60 24.03
CA ASP A 61 22.77 -5.27 22.96
C ASP A 61 21.65 -6.30 22.95
N PRO A 62 20.39 -5.88 22.84
CA PRO A 62 19.30 -6.87 22.83
C PRO A 62 19.33 -7.80 21.62
N ALA A 63 19.96 -7.40 20.52
CA ALA A 63 20.01 -8.23 19.32
C ALA A 63 21.29 -7.95 18.58
N PRO A 64 21.80 -8.91 17.81
CA PRO A 64 22.94 -8.66 16.92
C PRO A 64 22.46 -7.99 15.63
N GLY A 65 23.41 -7.77 14.73
CA GLY A 65 23.07 -7.17 13.45
C GLY A 65 22.08 -8.00 12.66
N TYR A 66 21.46 -7.36 11.66
CA TYR A 66 20.24 -7.91 11.04
C TYR A 66 20.49 -9.19 10.26
N TRP A 67 21.71 -9.41 9.78
CA TRP A 67 22.06 -10.61 9.02
C TRP A 67 23.06 -11.47 9.78
N ASP A 68 23.02 -11.39 11.10
CA ASP A 68 23.92 -12.20 11.93
C ASP A 68 23.77 -13.69 11.64
N SER A 69 22.59 -14.12 11.19
CA SER A 69 22.36 -15.54 10.93
C SER A 69 23.19 -16.07 9.77
N ILE A 70 23.67 -15.20 8.88
CA ILE A 70 24.44 -15.65 7.72
C ILE A 70 25.83 -15.03 7.64
N ILE A 71 26.23 -14.20 8.60
CA ILE A 71 27.57 -13.61 8.60
C ILE A 71 28.27 -14.00 9.90
N GLY A 72 29.35 -14.77 9.78
CA GLY A 72 30.09 -15.21 10.95
C GLY A 72 30.92 -16.43 10.65
N PRO A 73 31.65 -16.92 11.64
CA PRO A 73 32.52 -18.09 11.41
C PRO A 73 31.70 -19.31 11.01
N GLY A 74 32.01 -19.86 9.84
CA GLY A 74 31.32 -21.02 9.31
C GLY A 74 29.94 -20.76 8.75
N LYS A 75 29.47 -19.52 8.80
CA LYS A 75 28.14 -19.22 8.29
C LYS A 75 28.18 -19.07 6.77
N ALA A 76 27.00 -18.81 6.19
CA ALA A 76 26.87 -18.78 4.74
C ALA A 76 27.84 -17.78 4.11
N ILE A 77 28.05 -16.66 4.76
CA ILE A 77 29.09 -15.69 4.42
C ILE A 77 30.14 -15.85 5.51
N ASP A 78 31.18 -16.64 5.21
CA ASP A 78 32.08 -17.18 6.24
C ASP A 78 33.18 -16.18 6.56
N THR A 79 33.14 -15.58 7.75
CA THR A 79 34.14 -14.61 8.15
C THR A 79 35.47 -15.24 8.55
N ASP A 80 35.57 -16.57 8.62
CA ASP A 80 36.89 -17.20 8.70
C ASP A 80 37.62 -17.11 7.37
N ARG A 81 36.89 -16.94 6.27
CA ARG A 81 37.50 -16.84 4.95
C ARG A 81 37.46 -15.44 4.37
N PHE A 82 36.37 -14.71 4.62
CA PHE A 82 36.12 -13.45 3.95
C PHE A 82 36.20 -12.28 4.91
N TYR A 83 36.59 -11.13 4.36
CA TYR A 83 36.54 -9.85 5.05
C TYR A 83 35.23 -9.19 4.64
N VAL A 84 34.30 -9.09 5.58
CA VAL A 84 32.92 -8.68 5.30
C VAL A 84 32.74 -7.26 5.84
N ILE A 85 32.47 -6.31 4.94
CA ILE A 85 32.48 -4.89 5.27
C ILE A 85 31.14 -4.27 4.86
N SER A 86 30.67 -3.31 5.64
CA SER A 86 29.40 -2.65 5.33
C SER A 86 29.47 -1.18 5.73
N VAL A 87 28.73 -0.33 5.01
CA VAL A 87 28.86 1.12 5.12
C VAL A 87 27.46 1.74 5.25
N ASP A 88 27.30 2.64 6.21
CA ASP A 88 26.08 3.45 6.28
C ASP A 88 25.91 4.28 5.00
N THR A 89 24.69 4.34 4.50
CA THR A 89 24.43 5.20 3.35
C THR A 89 24.44 6.68 3.77
N LEU A 90 24.56 7.55 2.78
CA LEU A 90 24.14 8.93 2.97
C LEU A 90 22.66 8.97 3.31
N ALA A 91 22.25 10.03 4.00
CA ALA A 91 20.83 10.24 4.35
C ALA A 91 20.25 9.04 5.08
N ASN A 92 21.07 8.38 5.91
CA ASN A 92 20.62 7.18 6.58
C ASN A 92 19.38 7.50 7.41
N LEU A 93 18.38 6.61 7.35
CA LEU A 93 17.12 6.90 8.01
C LEU A 93 17.32 7.09 9.50
N ASN A 94 18.26 6.37 10.08
CA ASN A 94 18.45 6.30 11.52
C ASN A 94 19.40 7.41 12.00
N ALA A 95 18.99 8.65 11.68
CA ALA A 95 19.87 9.80 11.82
C ALA A 95 20.28 10.06 13.27
N TYR A 96 19.47 9.65 14.24
CA TYR A 96 19.75 9.90 15.65
C TYR A 96 20.15 8.65 16.40
N ASP A 97 20.42 7.56 15.71
CA ASP A 97 20.86 6.34 16.36
C ASP A 97 22.30 6.48 16.82
N PRO A 98 22.63 6.07 18.05
CA PRO A 98 23.96 6.36 18.59
C PRO A 98 25.09 5.68 17.85
N HIS A 99 24.81 4.66 17.06
CA HIS A 99 25.89 4.00 16.34
C HIS A 99 25.98 4.45 14.89
N VAL A 100 24.88 4.87 14.29
CA VAL A 100 24.88 5.26 12.89
C VAL A 100 25.60 6.59 12.71
N ILE A 101 26.46 6.67 11.70
CA ILE A 101 27.06 7.92 11.28
C ILE A 101 26.71 8.16 9.83
N THR A 102 26.15 9.33 9.52
CA THR A 102 25.72 9.62 8.17
C THR A 102 25.86 11.11 7.89
N THR A 103 25.61 11.47 6.64
CA THR A 103 25.61 12.84 6.17
C THR A 103 24.35 13.01 5.33
N GLY A 104 23.60 14.07 5.61
CA GLY A 104 22.30 14.27 5.03
C GLY A 104 21.68 15.53 5.57
N PRO A 105 20.38 15.69 5.34
CA PRO A 105 19.66 16.89 5.80
C PRO A 105 19.90 17.27 7.26
N THR A 106 20.11 16.31 8.18
CA THR A 106 20.33 16.68 9.58
C THR A 106 21.75 17.16 9.84
N SER A 107 22.68 16.97 8.91
CA SER A 107 24.06 17.37 9.14
C SER A 107 24.18 18.88 9.16
N ILE A 108 25.22 19.36 9.83
CA ILE A 108 25.54 20.77 9.88
C ILE A 108 26.33 21.13 8.63
N ASN A 109 25.83 22.07 7.86
CA ASN A 109 26.57 22.63 6.74
C ASN A 109 27.71 23.49 7.29
N PRO A 110 28.99 23.18 7.00
CA PRO A 110 30.08 23.99 7.56
C PRO A 110 30.05 25.43 7.10
N ASP A 111 29.41 25.70 5.96
CA ASP A 111 29.33 27.06 5.43
C ASP A 111 28.34 27.92 6.19
N THR A 112 27.33 27.32 6.83
CA THR A 112 26.31 28.07 7.52
C THR A 112 26.28 27.83 9.02
N GLY A 113 26.92 26.77 9.50
CA GLY A 113 26.81 26.41 10.90
C GLY A 113 25.47 25.82 11.29
N LYS A 114 24.59 25.56 10.33
CA LYS A 114 23.22 25.14 10.57
C LYS A 114 22.90 23.92 9.71
N PRO A 115 21.87 23.16 10.09
CA PRO A 115 21.54 21.96 9.30
C PRO A 115 21.19 22.28 7.85
N TYR A 116 21.50 21.33 6.96
CA TYR A 116 21.14 21.48 5.56
C TYR A 116 19.63 21.51 5.35
N GLY A 117 18.90 20.66 6.05
CA GLY A 117 17.50 20.49 5.68
C GLY A 117 17.39 20.08 4.22
N LEU A 118 16.38 20.64 3.54
CA LEU A 118 16.18 20.34 2.12
C LEU A 118 17.15 21.10 1.20
N ASP A 119 18.15 21.78 1.77
CA ASP A 119 19.27 22.25 0.97
C ASP A 119 20.25 21.13 0.65
N PHE A 120 20.10 19.96 1.27
CA PHE A 120 21.02 18.87 0.99
C PHE A 120 20.82 18.41 -0.46
N PRO A 121 21.90 18.11 -1.18
CA PRO A 121 21.74 17.67 -2.57
C PRO A 121 20.98 16.36 -2.65
N VAL A 122 20.16 16.23 -3.71
CA VAL A 122 19.52 14.94 -4.00
C VAL A 122 20.58 13.87 -4.05
N VAL A 123 20.33 12.73 -3.42
CA VAL A 123 21.24 11.61 -3.49
C VAL A 123 20.59 10.44 -4.22
N THR A 124 21.45 9.55 -4.71
CA THR A 124 21.08 8.38 -5.50
C THR A 124 21.76 7.16 -4.92
N ILE A 125 21.28 6.00 -5.35
CA ILE A 125 21.99 4.74 -5.09
C ILE A 125 23.45 4.84 -5.53
N ARG A 126 23.70 5.49 -6.67
CA ARG A 126 25.06 5.64 -7.18
C ARG A 126 25.94 6.38 -6.18
N ASP A 127 25.39 7.38 -5.48
CA ASP A 127 26.19 8.10 -4.50
C ASP A 127 26.61 7.19 -3.34
N PHE A 128 25.70 6.33 -2.89
CA PHE A 128 26.04 5.37 -1.85
C PHE A 128 27.18 4.48 -2.31
N VAL A 129 27.05 3.95 -3.53
CA VAL A 129 28.08 3.10 -4.15
C VAL A 129 29.42 3.83 -4.19
N ASN A 130 29.41 5.10 -4.60
CA ASN A 130 30.67 5.84 -4.76
C ASN A 130 31.33 6.15 -3.43
N VAL A 131 30.54 6.39 -2.37
CA VAL A 131 31.12 6.52 -1.03
C VAL A 131 31.76 5.19 -0.61
N GLN A 132 31.05 4.07 -0.82
CA GLN A 132 31.64 2.78 -0.53
C GLN A 132 32.93 2.57 -1.29
N LYS A 133 32.95 2.94 -2.57
CA LYS A 133 34.14 2.73 -3.40
C LYS A 133 35.32 3.53 -2.83
N ALA A 134 35.07 4.78 -2.43
CA ALA A 134 36.13 5.60 -1.85
C ALA A 134 36.66 4.99 -0.56
N LEU A 135 35.79 4.48 0.31
CA LEU A 135 36.25 3.80 1.51
C LEU A 135 37.12 2.60 1.15
N LEU A 136 36.65 1.77 0.23
CA LEU A 136 37.43 0.59 -0.15
C LEU A 136 38.80 0.98 -0.69
N GLU A 137 38.85 2.04 -1.50
CA GLU A 137 40.14 2.51 -2.03
C GLU A 137 41.06 2.99 -0.91
N SER A 138 40.48 3.66 0.11
CA SER A 138 41.27 4.13 1.24
C SER A 138 41.89 2.97 2.00
N LEU A 139 41.29 1.79 1.92
CA LEU A 139 41.81 0.59 2.56
C LEU A 139 42.72 -0.21 1.64
N GLY A 140 43.02 0.30 0.45
CA GLY A 140 43.89 -0.38 -0.49
C GLY A 140 43.22 -1.50 -1.25
N ILE A 141 41.90 -1.63 -1.12
CA ILE A 141 41.13 -2.64 -1.82
C ILE A 141 40.81 -2.16 -3.23
N SER A 142 40.92 -3.06 -4.22
CA SER A 142 40.64 -2.70 -5.60
C SER A 142 39.70 -3.67 -6.30
N LYS A 143 39.19 -4.68 -5.60
CA LYS A 143 38.24 -5.62 -6.19
C LYS A 143 37.37 -6.19 -5.08
N LEU A 144 36.16 -6.58 -5.45
CA LEU A 144 35.21 -7.18 -4.53
C LEU A 144 34.99 -8.65 -4.91
N TYR A 145 35.28 -9.55 -3.99
CA TYR A 145 34.90 -10.94 -4.17
C TYR A 145 33.39 -11.06 -4.35
N ALA A 146 32.63 -10.28 -3.59
CA ALA A 146 31.19 -10.23 -3.78
C ALA A 146 30.65 -8.93 -3.22
N VAL A 147 29.49 -8.52 -3.74
CA VAL A 147 28.66 -7.49 -3.12
C VAL A 147 27.27 -8.08 -2.98
N ILE A 148 26.67 -7.88 -1.81
CA ILE A 148 25.47 -8.59 -1.38
C ILE A 148 24.58 -7.62 -0.61
N GLY A 149 23.29 -7.57 -0.93
CA GLY A 149 22.40 -6.77 -0.12
C GLY A 149 20.93 -7.03 -0.38
N PRO A 150 20.10 -6.74 0.63
CA PRO A 150 18.64 -6.86 0.46
C PRO A 150 17.99 -5.54 0.12
N SER A 151 16.99 -5.56 -0.77
CA SER A 151 16.06 -4.44 -0.97
C SER A 151 16.83 -3.23 -1.49
N MET A 152 16.83 -2.09 -0.79
CA MET A 152 17.69 -1.00 -1.24
C MET A 152 19.14 -1.44 -1.32
N GLY A 153 19.54 -2.40 -0.49
CA GLY A 153 20.89 -2.93 -0.59
C GLY A 153 21.11 -3.70 -1.88
N SER A 154 20.07 -4.38 -2.39
CA SER A 154 20.19 -5.06 -3.67
C SER A 154 20.38 -4.05 -4.80
N MET A 155 19.85 -2.85 -4.63
CA MET A 155 19.99 -1.81 -5.65
C MET A 155 21.43 -1.34 -5.71
N GLN A 156 22.02 -1.08 -4.54
CA GLN A 156 23.44 -0.76 -4.46
C GLN A 156 24.29 -1.88 -5.04
N ALA A 157 23.95 -3.14 -4.74
CA ALA A 157 24.77 -4.26 -5.19
C ALA A 157 24.76 -4.37 -6.71
N ILE A 158 23.58 -4.27 -7.33
CA ILE A 158 23.56 -4.45 -8.77
C ILE A 158 24.11 -3.20 -9.48
N ASP A 159 23.97 -2.01 -8.89
CA ASP A 159 24.60 -0.83 -9.49
C ASP A 159 26.11 -0.95 -9.45
N TRP A 160 26.66 -1.44 -8.33
CA TRP A 160 28.09 -1.76 -8.27
C TRP A 160 28.51 -2.61 -9.47
N ALA A 161 27.79 -3.72 -9.69
CA ALA A 161 28.18 -4.67 -10.73
C ALA A 161 28.09 -4.07 -12.13
N SER A 162 27.18 -3.13 -12.33
CA SER A 162 26.99 -2.49 -13.64
C SER A 162 27.98 -1.35 -13.86
N ALA A 163 28.18 -0.50 -12.86
CA ALA A 163 28.97 0.72 -13.01
C ALA A 163 30.46 0.44 -12.99
N TYR A 164 30.89 -0.54 -12.20
CA TYR A 164 32.31 -0.85 -12.01
C TYR A 164 32.48 -2.34 -12.26
N PRO A 165 32.33 -2.76 -13.52
CA PRO A 165 32.20 -4.20 -13.80
C PRO A 165 33.39 -5.00 -13.38
N GLY A 166 34.61 -4.49 -13.61
CA GLY A 166 35.82 -5.18 -13.21
C GLY A 166 36.04 -5.23 -11.72
N TRP A 167 35.36 -4.37 -10.95
CA TRP A 167 35.48 -4.39 -9.51
C TRP A 167 34.74 -5.57 -8.88
N VAL A 168 33.73 -6.11 -9.56
CA VAL A 168 32.76 -6.99 -8.89
C VAL A 168 32.82 -8.38 -9.50
N GLU A 169 33.24 -9.36 -8.70
CA GLU A 169 33.26 -10.74 -9.21
C GLU A 169 31.92 -11.44 -9.09
N ARG A 170 31.14 -11.11 -8.06
CA ARG A 170 29.90 -11.80 -7.72
C ARG A 170 28.94 -10.78 -7.13
N MET A 171 27.65 -10.96 -7.40
CA MET A 171 26.61 -10.02 -6.96
C MET A 171 25.43 -10.83 -6.47
N ILE A 172 25.04 -10.65 -5.21
CA ILE A 172 23.85 -11.28 -4.66
C ILE A 172 22.82 -10.19 -4.37
N SER A 173 21.64 -10.35 -4.96
CA SER A 173 20.50 -9.47 -4.77
C SER A 173 19.45 -10.24 -3.99
N VAL A 174 19.04 -9.72 -2.84
CA VAL A 174 18.02 -10.36 -2.01
C VAL A 174 16.82 -9.42 -1.93
N ILE A 175 15.61 -9.99 -1.95
CA ILE A 175 14.33 -9.26 -1.96
C ILE A 175 14.47 -7.99 -2.78
N GLY A 176 14.92 -8.13 -4.03
CA GLY A 176 15.53 -7.04 -4.74
C GLY A 176 14.89 -6.61 -6.04
N ALA A 177 15.64 -5.80 -6.80
CA ALA A 177 15.14 -5.23 -8.05
C ALA A 177 16.32 -4.75 -8.87
N GLY A 178 16.13 -4.76 -10.19
CA GLY A 178 17.09 -4.11 -11.08
C GLY A 178 16.76 -2.67 -11.39
N GLN A 179 15.55 -2.21 -11.03
CA GLN A 179 15.12 -0.84 -11.26
C GLN A 179 13.92 -0.59 -10.36
N SER A 180 13.65 0.69 -10.09
CA SER A 180 12.35 1.08 -9.53
C SER A 180 11.44 1.36 -10.72
N ASP A 181 10.58 0.41 -11.05
CA ASP A 181 9.70 0.63 -12.19
C ASP A 181 8.65 1.68 -11.84
N ALA A 182 7.79 2.00 -12.80
CA ALA A 182 6.80 3.04 -12.56
C ALA A 182 5.92 2.70 -11.36
N TRP A 183 5.51 1.42 -11.25
CA TRP A 183 4.74 0.98 -10.09
C TRP A 183 5.49 1.28 -8.79
N THR A 184 6.76 0.86 -8.71
CA THR A 184 7.51 0.99 -7.46
C THR A 184 7.76 2.46 -7.12
N THR A 185 8.06 3.29 -8.12
CA THR A 185 8.28 4.70 -7.86
C THR A 185 7.01 5.37 -7.32
N ALA A 186 5.85 5.00 -7.86
CA ALA A 186 4.60 5.54 -7.33
C ALA A 186 4.33 5.01 -5.93
N ALA A 187 4.61 3.72 -5.69
CA ALA A 187 4.38 3.11 -4.39
C ALA A 187 5.23 3.78 -3.30
N LEU A 188 6.50 4.07 -3.62
CA LEU A 188 7.39 4.71 -2.66
C LEU A 188 6.96 6.14 -2.38
N GLU A 189 6.33 6.81 -3.35
CA GLU A 189 5.90 8.19 -3.12
C GLU A 189 4.96 8.28 -1.94
N HIS A 190 4.12 7.26 -1.73
CA HIS A 190 3.18 7.32 -0.61
C HIS A 190 3.89 7.27 0.74
N TRP A 191 5.14 6.81 0.78
CA TRP A 191 5.92 6.89 2.02
C TRP A 191 6.30 8.33 2.34
N ALA A 192 6.42 9.17 1.31
CA ALA A 192 6.87 10.54 1.48
C ALA A 192 5.72 11.48 1.85
N THR A 193 4.56 11.29 1.22
CA THR A 193 3.50 12.28 1.33
C THR A 193 3.05 12.58 2.76
N PRO A 194 2.94 11.61 3.68
CA PRO A 194 2.49 11.99 5.04
C PRO A 194 3.41 12.99 5.71
N ILE A 195 4.72 12.88 5.47
CA ILE A 195 5.67 13.84 6.03
C ILE A 195 5.42 15.23 5.47
N THR A 196 5.26 15.34 4.15
CA THR A 196 5.10 16.66 3.55
C THR A 196 3.74 17.28 3.86
N LEU A 197 2.76 16.47 4.28
CA LEU A 197 1.48 17.02 4.71
C LEU A 197 1.54 17.61 6.11
N ASP A 198 2.35 17.03 7.00
CA ASP A 198 2.45 17.45 8.39
C ASP A 198 2.92 18.90 8.47
N LYS A 199 2.11 19.77 9.09
CA LYS A 199 2.43 21.20 9.14
C LYS A 199 3.80 21.45 9.74
N ASN A 200 4.24 20.60 10.68
CA ASN A 200 5.53 20.80 11.31
C ASN A 200 6.69 20.61 10.33
N TRP A 201 6.44 20.02 9.17
CA TRP A 201 7.53 19.80 8.24
C TRP A 201 8.16 21.13 7.82
N ASN A 202 7.34 22.16 7.66
CA ASN A 202 7.85 23.51 7.36
C ASN A 202 8.77 23.50 6.15
N ASN A 203 8.34 22.80 5.10
CA ASN A 203 9.09 22.74 3.83
C ASN A 203 10.51 22.24 4.05
N GLY A 204 10.71 21.41 5.08
CA GLY A 204 11.99 20.79 5.34
C GLY A 204 12.81 21.45 6.42
N ALA A 205 12.38 22.61 6.93
CA ALA A 205 13.21 23.46 7.78
C ALA A 205 12.92 23.31 9.27
N TYR A 206 12.43 22.16 9.70
CA TYR A 206 12.05 21.97 11.10
C TYR A 206 13.25 21.72 11.99
N SER A 207 13.12 22.11 13.26
CA SER A 207 14.13 21.77 14.25
C SER A 207 13.87 20.39 14.85
N LYS A 208 14.90 19.85 15.50
CA LYS A 208 14.86 18.46 15.95
C LYS A 208 13.72 18.19 16.93
N GLU A 209 13.47 19.13 17.85
CA GLU A 209 12.40 18.91 18.81
C GLU A 209 11.07 19.48 18.35
N GLN A 210 10.99 19.93 17.10
CA GLN A 210 9.73 20.35 16.49
C GLN A 210 9.50 19.61 15.19
N ALA A 211 9.90 18.34 15.15
CA ALA A 211 9.86 17.57 13.92
C ALA A 211 8.43 17.16 13.56
N PRO A 212 8.19 16.80 12.29
CA PRO A 212 6.88 16.29 11.89
C PRO A 212 6.68 14.85 12.35
N LEU A 213 6.51 14.69 13.67
CA LEU A 213 6.50 13.36 14.27
C LEU A 213 5.29 12.54 13.81
N ASN A 214 4.12 13.17 13.69
CA ASN A 214 2.96 12.39 13.30
C ASN A 214 2.96 12.06 11.81
N GLY A 215 3.54 12.91 10.97
CA GLY A 215 3.73 12.54 9.57
C GLY A 215 4.71 11.40 9.42
N LEU A 216 5.83 11.47 10.15
CA LEU A 216 6.81 10.39 10.13
C LEU A 216 6.20 9.08 10.64
N ALA A 217 5.39 9.15 11.70
CA ALA A 217 4.75 7.94 12.19
C ALA A 217 3.82 7.34 11.15
N ALA A 218 3.04 8.16 10.46
CA ALA A 218 2.17 7.67 9.41
C ALA A 218 2.96 7.02 8.28
N SER A 219 4.08 7.62 7.89
CA SER A 219 4.96 7.00 6.91
C SER A 219 5.43 5.64 7.38
N LEU A 220 5.89 5.55 8.63
CA LEU A 220 6.42 4.27 9.12
C LEU A 220 5.32 3.23 9.28
N MET A 221 4.07 3.65 9.55
CA MET A 221 2.98 2.69 9.55
C MET A 221 2.81 2.04 8.18
N LEU A 222 2.87 2.85 7.13
CA LEU A 222 2.69 2.33 5.78
C LEU A 222 3.89 1.46 5.36
N ILE A 223 5.11 1.93 5.66
CA ILE A 223 6.31 1.14 5.37
C ILE A 223 6.25 -0.20 6.06
N THR A 224 5.88 -0.19 7.35
CA THR A 224 5.83 -1.43 8.14
C THR A 224 4.88 -2.43 7.51
N GLN A 225 3.69 -1.98 7.12
CA GLN A 225 2.71 -2.90 6.55
C GLN A 225 3.12 -3.34 5.14
N ASN A 226 3.65 -2.40 4.32
CA ASN A 226 4.00 -2.75 2.94
C ASN A 226 5.03 -3.86 2.92
N ALA A 227 5.88 -3.95 3.94
CA ALA A 227 6.96 -4.92 4.00
C ALA A 227 6.54 -6.24 4.63
N LEU A 228 5.27 -6.41 5.00
CA LEU A 228 4.79 -7.64 5.61
C LEU A 228 3.67 -8.24 4.77
N THR A 229 2.77 -9.01 5.37
CA THR A 229 1.78 -9.79 4.63
C THR A 229 0.48 -9.84 5.40
N PRO A 230 -0.63 -10.18 4.71
CA PRO A 230 -1.87 -10.47 5.43
C PRO A 230 -1.71 -11.51 6.51
N SER A 231 -0.97 -12.59 6.24
CA SER A 231 -0.74 -13.63 7.24
C SER A 231 -0.15 -13.04 8.51
N PHE A 232 0.87 -12.20 8.38
CA PHE A 232 1.50 -11.66 9.57
C PHE A 232 0.53 -10.76 10.34
N PHE A 233 -0.20 -9.91 9.63
CA PHE A 233 -1.10 -9.00 10.31
C PHE A 233 -2.24 -9.75 10.98
N ASN A 234 -2.73 -10.81 10.33
CA ASN A 234 -3.86 -11.54 10.91
C ASN A 234 -3.41 -12.36 12.10
N GLN A 235 -2.21 -12.94 12.06
CA GLN A 235 -1.68 -13.61 13.25
C GLN A 235 -1.45 -12.63 14.38
N THR A 236 -0.90 -11.46 14.05
CA THR A 236 -0.76 -10.40 15.05
C THR A 236 -2.11 -10.03 15.63
N GLY A 237 -3.10 -9.85 14.76
CA GLY A 237 -4.43 -9.53 15.24
C GLY A 237 -4.96 -10.56 16.21
N ASN A 238 -4.71 -11.84 15.94
CA ASN A 238 -5.19 -12.87 16.85
C ASN A 238 -4.53 -12.73 18.22
N THR A 239 -3.23 -12.42 18.26
CA THR A 239 -2.57 -12.24 19.54
C THR A 239 -3.12 -11.03 20.28
N LEU A 240 -3.55 -9.99 19.55
CA LEU A 240 -4.14 -8.81 20.14
C LEU A 240 -5.61 -8.98 20.53
N GLY A 241 -6.24 -10.06 20.11
CA GLY A 241 -7.67 -10.20 20.29
C GLY A 241 -8.47 -9.33 19.36
N TYR A 242 -7.92 -9.02 18.18
CA TYR A 242 -8.64 -8.25 17.18
C TYR A 242 -10.01 -8.84 16.88
N LYS A 243 -10.99 -7.96 16.81
CA LYS A 243 -12.35 -8.30 16.42
C LYS A 243 -12.81 -7.26 15.41
N ASN A 244 -13.79 -7.66 14.61
N ASN A 244 -13.79 -7.62 14.59
CA ASN A 244 -14.35 -6.77 13.60
CA ASN A 244 -14.25 -6.63 13.63
C ASN A 244 -15.11 -5.61 14.25
C ASN A 244 -15.09 -5.55 14.30
N VAL A 245 -16.10 -5.93 15.08
CA VAL A 245 -16.94 -4.92 15.74
C VAL A 245 -16.34 -4.71 17.12
N GLU A 246 -15.23 -3.96 17.16
CA GLU A 246 -14.65 -3.54 18.42
C GLU A 246 -15.41 -2.33 18.97
N SER A 247 -15.70 -2.36 20.27
CA SER A 247 -16.59 -1.34 20.83
C SER A 247 -16.02 0.06 20.68
N ALA A 248 -14.71 0.23 20.92
CA ALA A 248 -14.16 1.58 20.88
C ALA A 248 -14.30 2.22 19.50
N PRO A 249 -13.81 1.63 18.40
CA PRO A 249 -14.00 2.28 17.09
C PRO A 249 -15.46 2.33 16.62
N LEU A 250 -16.33 1.46 17.14
CA LEU A 250 -17.76 1.60 16.83
C LEU A 250 -18.37 2.81 17.52
N ASN A 251 -17.96 3.08 18.75
CA ASN A 251 -18.56 4.14 19.54
C ASN A 251 -17.99 5.52 19.25
N ASP A 252 -16.79 5.59 18.68
CA ASP A 252 -16.06 6.85 18.61
C ASP A 252 -15.21 6.87 17.36
N ILE A 253 -15.49 7.81 16.45
CA ILE A 253 -14.75 7.93 15.20
C ILE A 253 -13.27 8.15 15.45
N ARG A 254 -12.91 8.72 16.61
CA ARG A 254 -11.53 9.04 16.92
C ARG A 254 -10.79 7.91 17.62
N GLN A 255 -11.49 6.86 18.06
CA GLN A 255 -10.83 5.66 18.54
C GLN A 255 -10.48 4.76 17.37
N SER A 256 -9.54 3.84 17.58
CA SER A 256 -9.05 2.97 16.53
C SER A 256 -9.20 1.51 16.93
N HIS A 257 -9.17 0.64 15.91
CA HIS A 257 -9.06 -0.79 16.15
C HIS A 257 -7.74 -1.16 16.82
N SER A 258 -7.78 -2.27 17.55
CA SER A 258 -6.59 -2.87 18.15
C SER A 258 -5.41 -2.91 17.19
N ILE A 259 -5.61 -3.44 15.98
CA ILE A 259 -4.48 -3.62 15.07
C ILE A 259 -3.91 -2.26 14.64
N VAL A 260 -4.76 -1.23 14.55
CA VAL A 260 -4.29 0.10 14.22
C VAL A 260 -3.49 0.70 15.39
N ASN A 261 -3.99 0.55 16.62
CA ASN A 261 -3.21 1.00 17.77
C ASN A 261 -1.85 0.32 17.82
N TRP A 262 -1.82 -1.00 17.53
CA TRP A 262 -0.56 -1.74 17.49
C TRP A 262 0.37 -1.19 16.41
N LEU A 263 -0.15 -0.94 15.21
CA LEU A 263 0.69 -0.46 14.13
C LEU A 263 1.21 0.95 14.42
N ARG A 264 0.36 1.81 14.95
CA ARG A 264 0.79 3.17 15.30
C ARG A 264 1.90 3.11 16.34
N GLU A 265 1.76 2.26 17.37
CA GLU A 265 2.80 2.16 18.38
C GLU A 265 4.08 1.56 17.83
N ARG A 266 3.97 0.52 16.97
CA ARG A 266 5.15 -0.04 16.32
C ARG A 266 5.87 1.01 15.50
N ALA A 267 5.10 1.81 14.75
CA ALA A 267 5.70 2.84 13.90
C ALA A 267 6.43 3.88 14.74
N LYS A 268 5.80 4.35 15.83
CA LYS A 268 6.43 5.38 16.65
C LYS A 268 7.66 4.84 17.37
N THR A 269 7.65 3.57 17.76
CA THR A 269 8.85 2.94 18.32
C THR A 269 9.98 2.89 17.29
N ARG A 270 9.66 2.44 16.08
CA ARG A 270 10.67 2.43 15.02
C ARG A 270 11.24 3.81 14.75
N ALA A 271 10.40 4.86 14.81
CA ALA A 271 10.78 6.18 14.34
C ALA A 271 11.51 7.02 15.38
N LYS A 272 11.69 6.49 16.60
CA LYS A 272 12.23 7.28 17.70
C LYS A 272 13.54 7.97 17.33
N SER A 273 14.42 7.27 16.61
CA SER A 273 15.73 7.79 16.25
C SER A 273 15.87 8.06 14.76
N MET A 274 14.77 8.18 14.05
CA MET A 274 14.78 8.44 12.62
C MET A 274 14.54 9.92 12.33
N ASP A 275 14.85 10.32 11.10
CA ASP A 275 14.57 11.67 10.64
C ASP A 275 13.71 11.66 9.37
N ALA A 276 12.70 12.54 9.38
CA ALA A 276 11.72 12.62 8.30
C ALA A 276 12.35 13.05 6.98
N ASN A 277 13.17 14.10 6.99
CA ASN A 277 13.84 14.51 5.75
C ASN A 277 14.69 13.38 5.19
N HIS A 278 15.38 12.64 6.06
CA HIS A 278 16.20 11.54 5.54
C HIS A 278 15.32 10.51 4.83
N LEU A 279 14.12 10.25 5.37
CA LEU A 279 13.21 9.34 4.70
C LEU A 279 12.87 9.86 3.30
N LEU A 280 12.60 11.16 3.18
CA LEU A 280 12.29 11.75 1.87
C LEU A 280 13.44 11.54 0.90
N TYR A 281 14.66 11.73 1.37
CA TYR A 281 15.80 11.58 0.47
C TYR A 281 16.04 10.13 0.08
N LEU A 282 15.76 9.18 0.98
CA LEU A 282 15.93 7.78 0.62
C LEU A 282 14.85 7.34 -0.36
N VAL A 283 13.61 7.82 -0.18
CA VAL A 283 12.57 7.58 -1.18
C VAL A 283 13.03 8.05 -2.55
N ARG A 284 13.59 9.27 -2.61
CA ARG A 284 14.00 9.81 -3.90
C ARG A 284 15.16 9.00 -4.51
N ALA A 285 16.13 8.60 -3.68
CA ALA A 285 17.21 7.75 -4.20
C ALA A 285 16.65 6.47 -4.80
N CYS A 286 15.69 5.84 -4.12
CA CYS A 286 15.13 4.61 -4.65
C CYS A 286 14.36 4.87 -5.94
N GLN A 287 13.65 6.01 -6.02
CA GLN A 287 12.86 6.30 -7.22
C GLN A 287 13.75 6.56 -8.43
N LEU A 288 14.94 7.13 -8.22
CA LEU A 288 15.90 7.38 -9.28
C LEU A 288 16.68 6.14 -9.71
N PHE A 289 16.45 4.99 -9.07
CA PHE A 289 17.34 3.85 -9.25
C PHE A 289 17.00 3.01 -10.48
N VAL A 290 18.02 2.81 -11.32
CA VAL A 290 18.10 1.70 -12.26
C VAL A 290 19.54 1.24 -12.24
N ALA A 291 19.75 -0.07 -12.34
CA ALA A 291 21.13 -0.58 -12.32
C ALA A 291 21.95 0.10 -13.41
N GLY A 292 23.08 0.70 -13.00
CA GLY A 292 23.94 1.41 -13.92
C GLY A 292 23.56 2.85 -14.19
N HIS A 293 22.34 3.26 -13.80
CA HIS A 293 21.88 4.66 -13.92
C HIS A 293 22.07 5.20 -15.34
N GLN A 294 21.78 4.35 -16.31
CA GLN A 294 21.64 4.70 -17.72
C GLN A 294 20.16 4.97 -18.00
N GLY A 295 19.76 4.91 -19.26
CA GLY A 295 18.40 5.25 -19.65
C GLY A 295 17.38 4.16 -19.49
N ASN A 296 17.80 2.92 -19.28
CA ASN A 296 16.87 1.82 -19.03
C ASN A 296 17.63 0.66 -18.41
N LEU A 297 16.86 -0.37 -18.02
CA LEU A 297 17.46 -1.52 -17.34
C LEU A 297 18.39 -2.30 -18.25
N GLU A 298 17.98 -2.51 -19.51
CA GLU A 298 18.79 -3.34 -20.42
C GLU A 298 20.20 -2.77 -20.56
N GLN A 299 20.32 -1.45 -20.68
CA GLN A 299 21.63 -0.83 -20.80
C GLN A 299 22.49 -1.06 -19.57
N GLY A 300 21.87 -1.04 -18.38
CA GLY A 300 22.63 -1.32 -17.17
C GLY A 300 23.04 -2.78 -17.06
N LEU A 301 22.16 -3.72 -17.42
CA LEU A 301 22.52 -5.13 -17.34
C LEU A 301 23.63 -5.48 -18.31
N ALA A 302 23.72 -4.76 -19.42
CA ALA A 302 24.67 -5.11 -20.48
C ALA A 302 26.11 -5.04 -20.04
N SER A 303 26.43 -4.21 -19.04
CA SER A 303 27.82 -4.09 -18.59
C SER A 303 28.16 -5.03 -17.44
N ILE A 304 27.20 -5.78 -16.92
CA ILE A 304 27.49 -6.65 -15.77
C ILE A 304 28.31 -7.85 -16.21
N LYS A 305 29.48 -8.03 -15.60
CA LYS A 305 30.33 -9.19 -15.82
C LYS A 305 30.27 -10.20 -14.67
N ALA A 306 29.93 -9.73 -13.46
CA ALA A 306 29.90 -10.60 -12.29
C ALA A 306 28.87 -11.70 -12.46
N LYS A 307 29.14 -12.86 -11.88
CA LYS A 307 28.07 -13.83 -11.76
C LYS A 307 27.07 -13.33 -10.73
N THR A 308 25.80 -13.68 -10.92
CA THR A 308 24.72 -13.07 -10.15
C THR A 308 23.81 -14.13 -9.52
N LEU A 309 23.28 -13.78 -8.35
CA LEU A 309 22.30 -14.60 -7.64
C LEU A 309 21.19 -13.68 -7.16
N PHE A 310 19.94 -14.06 -7.46
CA PHE A 310 18.77 -13.30 -7.05
C PHE A 310 17.96 -14.15 -6.09
N ILE A 311 17.52 -13.53 -4.99
CA ILE A 311 16.74 -14.21 -3.95
C ILE A 311 15.50 -13.39 -3.61
N PRO A 312 14.50 -13.35 -4.49
CA PRO A 312 13.21 -12.74 -4.13
C PRO A 312 12.49 -13.55 -3.06
N ALA A 313 11.49 -12.91 -2.45
CA ALA A 313 10.57 -13.57 -1.53
C ALA A 313 9.23 -13.75 -2.21
N GLN A 314 8.74 -15.00 -2.23
CA GLN A 314 7.50 -15.30 -2.95
C GLN A 314 6.34 -14.42 -2.48
N THR A 315 6.25 -14.13 -1.19
CA THR A 315 5.12 -13.39 -0.65
C THR A 315 5.38 -11.88 -0.56
N ASP A 316 6.47 -11.39 -1.15
CA ASP A 316 6.82 -9.96 -1.07
C ASP A 316 5.77 -9.13 -1.80
N LEU A 317 5.18 -8.16 -1.09
CA LEU A 317 4.21 -7.25 -1.68
C LEU A 317 4.80 -5.89 -2.01
N LEU A 318 6.08 -5.68 -1.67
CA LEU A 318 6.72 -4.39 -1.80
C LEU A 318 7.64 -4.33 -3.01
N LEU A 319 8.67 -5.17 -3.03
CA LEU A 319 9.46 -5.42 -4.24
C LEU A 319 9.05 -6.83 -4.67
N MET A 320 8.05 -6.90 -5.54
CA MET A 320 7.45 -8.19 -5.82
C MET A 320 8.43 -9.06 -6.61
N PRO A 321 8.24 -10.39 -6.58
CA PRO A 321 9.20 -11.27 -7.27
C PRO A 321 9.42 -10.95 -8.73
N TYR A 322 8.43 -10.39 -9.44
CA TYR A 322 8.63 -10.12 -10.87
C TYR A 322 9.79 -9.16 -11.09
N LEU A 323 10.12 -8.32 -10.11
CA LEU A 323 11.29 -7.44 -10.28
C LEU A 323 12.57 -8.25 -10.33
N SER A 324 12.69 -9.29 -9.51
CA SER A 324 13.87 -10.14 -9.56
C SER A 324 13.87 -11.00 -10.80
N GLN A 325 12.70 -11.52 -11.18
CA GLN A 325 12.62 -12.31 -12.40
C GLN A 325 13.01 -11.49 -13.63
N SER A 326 12.59 -10.22 -13.67
CA SER A 326 12.91 -9.33 -14.81
C SER A 326 14.42 -9.14 -14.95
N ALA A 327 15.10 -8.85 -13.84
CA ALA A 327 16.55 -8.62 -13.89
C ALA A 327 17.28 -9.92 -14.21
N HIS A 328 16.88 -11.01 -13.58
CA HIS A 328 17.51 -12.31 -13.83
C HIS A 328 17.35 -12.75 -15.28
N GLN A 329 16.13 -12.63 -15.83
CA GLN A 329 15.91 -13.03 -17.22
C GLN A 329 16.67 -12.13 -18.19
N GLY A 330 16.74 -10.83 -17.88
CA GLY A 330 17.55 -9.95 -18.70
C GLY A 330 19.00 -10.38 -18.72
N LEU A 331 19.51 -10.84 -17.58
CA LEU A 331 20.91 -11.27 -17.53
C LEU A 331 21.10 -12.61 -18.24
N THR A 332 20.18 -13.57 -18.06
CA THR A 332 20.40 -14.85 -18.73
C THR A 332 20.27 -14.71 -20.24
N SER A 333 19.43 -13.78 -20.71
CA SER A 333 19.30 -13.54 -22.14
C SER A 333 20.58 -12.95 -22.74
N MET A 334 21.42 -12.35 -21.90
CA MET A 334 22.73 -11.82 -22.28
C MET A 334 23.85 -12.81 -22.01
N ASN A 335 23.51 -14.06 -21.68
CA ASN A 335 24.47 -15.12 -21.33
C ASN A 335 25.29 -14.79 -20.08
N ASN A 336 24.75 -13.97 -19.18
CA ASN A 336 25.32 -13.83 -17.84
C ASN A 336 25.08 -15.11 -17.03
N ASP A 337 26.04 -15.45 -16.20
CA ASP A 337 25.90 -16.57 -15.26
C ASP A 337 25.01 -16.10 -14.11
N SER A 338 23.71 -16.38 -14.20
CA SER A 338 22.73 -15.87 -13.25
C SER A 338 21.88 -17.02 -12.70
N THR A 339 21.59 -16.94 -11.41
CA THR A 339 20.81 -17.95 -10.70
C THR A 339 19.72 -17.23 -9.92
N LEU A 340 18.53 -17.84 -9.83
CA LEU A 340 17.45 -17.31 -9.01
C LEU A 340 16.88 -18.41 -8.13
N VAL A 341 16.79 -18.13 -6.82
CA VAL A 341 16.10 -18.99 -5.87
C VAL A 341 15.17 -18.10 -5.05
N THR A 342 14.20 -18.72 -4.37
CA THR A 342 13.12 -17.96 -3.78
C THR A 342 12.95 -18.29 -2.29
N LEU A 343 12.80 -17.26 -1.48
CA LEU A 343 12.37 -17.43 -0.09
C LEU A 343 10.87 -17.69 -0.06
N ASN A 344 10.44 -18.75 0.62
CA ASN A 344 9.04 -19.17 0.57
C ASN A 344 8.25 -18.84 1.83
N GLY A 345 8.83 -18.08 2.77
CA GLY A 345 8.17 -17.81 4.03
C GLY A 345 7.06 -16.79 3.90
N LYS A 346 6.28 -16.68 4.97
CA LYS A 346 5.04 -15.92 4.95
C LYS A 346 5.20 -14.49 5.44
N LEU A 347 6.43 -13.99 5.61
CA LEU A 347 6.65 -12.65 6.14
C LEU A 347 6.85 -11.59 5.05
N GLY A 348 6.71 -11.96 3.79
CA GLY A 348 6.78 -10.96 2.73
C GLY A 348 8.17 -10.39 2.57
N HIS A 349 8.24 -9.08 2.32
CA HIS A 349 9.53 -8.41 2.15
C HIS A 349 10.45 -8.70 3.34
N ASP A 350 9.89 -8.80 4.54
CA ASP A 350 10.76 -8.96 5.69
C ASP A 350 11.45 -10.31 5.73
N GLU A 351 11.01 -11.27 4.91
CA GLU A 351 11.76 -12.52 4.81
C GLU A 351 13.22 -12.27 4.51
N GLY A 352 13.50 -11.28 3.68
CA GLY A 352 14.87 -11.07 3.23
C GLY A 352 15.76 -10.42 4.26
N VAL A 353 15.18 -9.74 5.24
CA VAL A 353 15.95 -9.12 6.31
C VAL A 353 16.03 -10.04 7.52
N THR A 354 14.91 -10.59 7.95
CA THR A 354 14.84 -11.33 9.21
C THR A 354 14.92 -12.84 9.05
N ASN A 355 14.81 -13.37 7.84
CA ASN A 355 14.79 -14.81 7.65
C ASN A 355 15.63 -15.25 6.45
N VAL A 356 16.68 -14.48 6.13
CA VAL A 356 17.51 -14.80 4.96
C VAL A 356 18.19 -16.14 5.13
N SER A 357 18.37 -16.62 6.35
CA SER A 357 19.05 -17.89 6.52
C SER A 357 18.24 -19.06 5.94
N ALA A 358 16.98 -18.83 5.56
CA ALA A 358 16.23 -19.88 4.88
C ALA A 358 16.86 -20.26 3.55
N GLN A 359 17.67 -19.37 2.95
CA GLN A 359 18.42 -19.70 1.75
C GLN A 359 19.93 -19.62 1.99
N ALA A 360 20.34 -19.92 3.22
CA ALA A 360 21.76 -19.86 3.57
C ALA A 360 22.59 -20.75 2.65
N GLN A 361 22.12 -21.97 2.37
CA GLN A 361 22.94 -22.89 1.58
C GLN A 361 23.12 -22.38 0.15
N ALA A 362 22.09 -21.73 -0.41
CA ALA A 362 22.24 -21.19 -1.77
C ALA A 362 23.30 -20.09 -1.79
N ILE A 363 23.32 -19.24 -0.76
CA ILE A 363 24.33 -18.21 -0.67
C ILE A 363 25.71 -18.83 -0.50
N ARG A 364 25.82 -19.80 0.42
CA ARG A 364 27.12 -20.41 0.69
C ARG A 364 27.70 -21.04 -0.55
N GLN A 365 26.90 -21.81 -1.30
CA GLN A 365 27.48 -22.50 -2.44
C GLN A 365 27.76 -21.54 -3.60
N PHE A 366 27.02 -20.43 -3.68
CA PHE A 366 27.34 -19.39 -4.65
C PHE A 366 28.69 -18.75 -4.35
N LEU A 367 28.99 -18.50 -3.08
CA LEU A 367 30.24 -17.87 -2.69
C LEU A 367 31.41 -18.85 -2.66
N GLU A 368 31.15 -20.10 -2.29
CA GLU A 368 32.21 -21.10 -2.10
C GLU A 368 32.20 -22.04 -3.30
N ASN A 369 32.89 -21.63 -4.37
CA ASN A 369 32.82 -22.39 -5.62
C ASN A 369 34.19 -22.31 -6.29
N ASP A 370 35.17 -22.92 -5.64
CA ASP A 370 36.55 -22.88 -6.11
C ASP A 370 36.80 -23.95 -7.18
N MET B 1 -33.58 6.93 -19.96
CA MET B 1 -32.94 7.92 -19.09
C MET B 1 -33.33 7.67 -17.61
N VAL B 2 -32.34 7.69 -16.74
CA VAL B 2 -32.51 7.36 -15.33
C VAL B 2 -32.95 8.60 -14.56
N GLU B 3 -34.00 8.44 -13.75
CA GLU B 3 -34.44 9.48 -12.82
C GLU B 3 -33.80 9.26 -11.45
N LYS B 4 -33.02 10.23 -10.98
CA LYS B 4 -32.51 10.17 -9.61
C LYS B 4 -33.63 10.46 -8.63
N ARG B 5 -33.77 9.62 -7.61
CA ARG B 5 -34.83 9.73 -6.62
C ARG B 5 -34.22 9.97 -5.25
N VAL B 6 -35.08 10.33 -4.30
CA VAL B 6 -34.63 10.63 -2.94
C VAL B 6 -35.53 9.90 -1.95
N PHE B 7 -34.90 9.28 -0.95
CA PHE B 7 -35.60 8.60 0.14
C PHE B 7 -35.25 9.30 1.45
N GLU B 8 -36.27 9.57 2.28
CA GLU B 8 -36.09 10.31 3.51
C GLU B 8 -36.68 9.57 4.70
N MET B 9 -35.99 9.65 5.85
CA MET B 9 -36.46 9.09 7.11
C MET B 9 -36.29 10.17 8.17
N PRO B 10 -37.34 10.52 8.92
CA PRO B 10 -37.15 11.53 9.97
C PRO B 10 -36.24 11.08 11.09
N HIS B 11 -36.20 9.78 11.40
CA HIS B 11 -35.42 9.27 12.51
C HIS B 11 -34.79 7.94 12.13
N PHE B 12 -33.54 7.74 12.56
CA PHE B 12 -32.79 6.53 12.24
C PHE B 12 -31.84 6.21 13.38
N THR B 13 -31.82 4.95 13.82
CA THR B 13 -30.92 4.52 14.87
C THR B 13 -29.77 3.75 14.25
N THR B 14 -28.54 4.17 14.54
CA THR B 14 -27.39 3.49 13.97
C THR B 14 -27.08 2.20 14.72
N PHE B 15 -26.25 1.37 14.07
CA PHE B 15 -25.79 0.14 14.70
C PHE B 15 -25.02 0.43 15.98
N GLY B 16 -24.34 1.58 16.05
CA GLY B 16 -23.64 2.01 17.24
C GLY B 16 -24.50 2.63 18.32
N GLY B 17 -25.81 2.68 18.12
CA GLY B 17 -26.70 3.18 19.15
C GLY B 17 -26.92 4.67 19.17
N LYS B 18 -26.69 5.37 18.06
CA LYS B 18 -26.85 6.81 17.99
C LYS B 18 -27.99 7.17 17.04
N GLN B 19 -28.44 8.41 17.15
CA GLN B 19 -29.54 8.91 16.32
C GLN B 19 -29.00 9.73 15.15
N ILE B 20 -29.57 9.50 13.98
CA ILE B 20 -29.44 10.41 12.84
C ILE B 20 -30.82 10.93 12.53
N LYS B 21 -30.98 12.24 12.52
CA LYS B 21 -32.26 12.84 12.16
C LYS B 21 -32.24 13.25 10.70
N ASN B 22 -33.41 13.16 10.08
CA ASN B 22 -33.62 13.62 8.70
C ASN B 22 -32.61 13.00 7.73
N VAL B 23 -32.56 11.66 7.76
CA VAL B 23 -31.80 10.92 6.76
C VAL B 23 -32.36 11.21 5.39
N LYS B 24 -31.47 11.52 4.44
CA LYS B 24 -31.84 11.51 3.03
C LYS B 24 -30.74 10.82 2.24
N VAL B 25 -31.14 9.92 1.35
CA VAL B 25 -30.21 9.25 0.46
C VAL B 25 -30.83 9.20 -0.93
N GLY B 26 -29.96 9.23 -1.94
CA GLY B 26 -30.42 9.10 -3.29
C GLY B 26 -30.61 7.64 -3.68
N TRP B 27 -31.44 7.42 -4.70
CA TRP B 27 -31.59 6.08 -5.25
C TRP B 27 -32.08 6.18 -6.68
N GLU B 28 -32.03 5.05 -7.37
CA GLU B 28 -32.56 4.95 -8.72
C GLU B 28 -32.91 3.51 -9.01
N ALA B 29 -33.70 3.29 -10.06
CA ALA B 29 -34.08 1.92 -10.40
C ALA B 29 -34.27 1.79 -11.90
N TYR B 30 -34.01 0.58 -12.40
CA TYR B 30 -34.17 0.22 -13.80
C TYR B 30 -35.10 -0.98 -13.90
N GLY B 31 -35.87 -1.04 -14.99
CA GLY B 31 -36.77 -2.16 -15.19
C GLY B 31 -38.10 -1.93 -14.50
N THR B 32 -38.88 -3.02 -14.43
CA THR B 32 -40.26 -2.97 -13.96
C THR B 32 -40.45 -3.93 -12.79
N LEU B 33 -41.08 -3.45 -11.72
CA LEU B 33 -41.42 -4.27 -10.58
C LEU B 33 -42.61 -5.16 -10.93
N ASN B 34 -42.49 -6.47 -10.68
CA ASN B 34 -43.59 -7.35 -11.04
C ASN B 34 -44.65 -7.32 -9.94
N ASP B 35 -45.76 -8.01 -10.19
CA ASP B 35 -46.92 -7.85 -9.32
C ASP B 35 -46.65 -8.37 -7.90
N ALA B 36 -45.91 -9.46 -7.77
CA ALA B 36 -45.58 -10.02 -6.47
C ALA B 36 -44.41 -9.31 -5.82
N LYS B 37 -43.83 -8.32 -6.49
CA LYS B 37 -42.59 -7.68 -6.06
C LYS B 37 -41.51 -8.73 -5.74
N SER B 38 -41.46 -9.77 -6.56
CA SER B 38 -40.56 -10.89 -6.36
C SER B 38 -39.36 -10.88 -7.30
N ASN B 39 -39.19 -9.82 -8.11
CA ASN B 39 -38.13 -9.74 -9.10
C ASN B 39 -37.15 -8.61 -8.81
N VAL B 40 -36.93 -8.29 -7.53
CA VAL B 40 -36.10 -7.15 -7.16
C VAL B 40 -34.64 -7.58 -7.00
N ILE B 41 -33.75 -6.88 -7.69
CA ILE B 41 -32.31 -7.05 -7.50
C ILE B 41 -31.76 -5.74 -6.97
N LEU B 42 -31.13 -5.80 -5.80
CA LEU B 42 -30.50 -4.63 -5.19
C LEU B 42 -29.02 -4.62 -5.54
N ILE B 43 -28.55 -3.53 -6.14
CA ILE B 43 -27.12 -3.32 -6.39
C ILE B 43 -26.58 -2.45 -5.28
N THR B 44 -25.50 -2.88 -4.63
CA THR B 44 -24.89 -2.13 -3.55
C THR B 44 -23.51 -1.64 -3.99
N HIS B 45 -23.19 -0.37 -3.72
CA HIS B 45 -22.07 0.26 -4.42
C HIS B 45 -20.74 0.24 -3.64
N TYR B 46 -19.66 0.41 -4.41
CA TYR B 46 -18.29 0.34 -3.91
C TYR B 46 -17.92 1.63 -3.17
N PHE B 47 -16.70 1.64 -2.62
CA PHE B 47 -16.27 2.67 -1.68
C PHE B 47 -16.47 4.07 -2.25
N SER B 48 -16.02 4.30 -3.48
CA SER B 48 -16.10 5.62 -4.09
C SER B 48 -17.30 5.77 -5.04
N GLY B 49 -18.29 4.88 -4.95
CA GLY B 49 -19.37 4.83 -5.92
C GLY B 49 -20.63 5.53 -5.44
N SER B 50 -21.70 5.30 -6.18
CA SER B 50 -23.03 5.86 -5.89
C SER B 50 -24.06 4.87 -6.40
N SER B 51 -25.33 5.26 -6.29
CA SER B 51 -26.44 4.48 -6.82
C SER B 51 -26.42 4.33 -8.32
N HIS B 52 -25.54 5.04 -9.04
CA HIS B 52 -25.60 5.10 -10.50
C HIS B 52 -24.90 3.90 -11.11
N ALA B 53 -25.58 2.75 -11.02
CA ALA B 53 -25.04 1.48 -11.52
C ALA B 53 -25.18 1.32 -13.02
N ALA B 54 -26.11 2.02 -13.67
CA ALA B 54 -26.35 1.79 -15.10
C ALA B 54 -27.04 3.02 -15.68
N GLY B 55 -27.03 3.08 -17.01
CA GLY B 55 -27.78 4.10 -17.71
C GLY B 55 -27.17 5.49 -17.60
N LYS B 56 -27.93 6.47 -18.08
CA LYS B 56 -27.51 7.86 -18.06
C LYS B 56 -28.62 8.71 -17.46
N TYR B 57 -28.21 9.76 -16.74
CA TYR B 57 -29.15 10.78 -16.30
C TYR B 57 -29.49 11.76 -17.42
N ASP B 58 -28.52 12.04 -18.29
CA ASP B 58 -28.72 12.91 -19.44
C ASP B 58 -27.95 12.35 -20.62
N GLU B 59 -28.48 12.58 -21.83
CA GLU B 59 -27.86 12.08 -23.05
C GLU B 59 -26.39 12.47 -23.14
N ASN B 60 -26.02 13.65 -22.64
CA ASN B 60 -24.67 14.16 -22.81
C ASN B 60 -23.72 13.73 -21.70
N ASP B 61 -24.16 12.88 -20.77
CA ASP B 61 -23.23 12.23 -19.86
C ASP B 61 -22.13 11.55 -20.66
N PRO B 62 -20.85 11.77 -20.36
CA PRO B 62 -19.79 11.11 -21.13
C PRO B 62 -19.81 9.61 -21.00
N ALA B 63 -20.31 9.07 -19.90
CA ALA B 63 -20.31 7.64 -19.67
C ALA B 63 -21.58 7.25 -18.92
N PRO B 64 -22.05 6.01 -19.11
CA PRO B 64 -23.19 5.54 -18.32
C PRO B 64 -22.75 5.10 -16.94
N GLY B 65 -23.67 4.52 -16.16
CA GLY B 65 -23.32 4.01 -14.85
C GLY B 65 -22.27 2.91 -14.92
N TYR B 66 -21.65 2.64 -13.78
CA TYR B 66 -20.39 1.90 -13.76
C TYR B 66 -20.57 0.43 -14.15
N TRP B 67 -21.76 -0.13 -13.96
CA TRP B 67 -22.03 -1.51 -14.34
C TRP B 67 -23.01 -1.60 -15.51
N ASP B 68 -23.03 -0.56 -16.36
CA ASP B 68 -23.91 -0.56 -17.52
C ASP B 68 -23.68 -1.78 -18.41
N SER B 69 -22.47 -2.33 -18.42
CA SER B 69 -22.19 -3.45 -19.29
C SER B 69 -22.97 -4.70 -18.94
N ILE B 70 -23.44 -4.84 -17.70
CA ILE B 70 -24.16 -6.04 -17.30
C ILE B 70 -25.57 -5.75 -16.79
N ILE B 71 -26.01 -4.50 -16.80
CA ILE B 71 -27.36 -4.13 -16.36
C ILE B 71 -28.09 -3.51 -17.55
N GLY B 72 -29.11 -4.18 -18.04
CA GLY B 72 -29.91 -3.65 -19.13
C GLY B 72 -30.74 -4.73 -19.79
N PRO B 73 -31.46 -4.35 -20.85
CA PRO B 73 -32.32 -5.33 -21.54
C PRO B 73 -31.51 -6.48 -22.10
N GLY B 74 -31.82 -7.68 -21.64
CA GLY B 74 -31.13 -8.87 -22.12
C GLY B 74 -29.73 -9.07 -21.57
N LYS B 75 -29.24 -8.16 -20.73
CA LYS B 75 -27.90 -8.30 -20.17
C LYS B 75 -27.93 -9.28 -19.00
N ALA B 76 -26.76 -9.54 -18.42
CA ALA B 76 -26.65 -10.55 -17.37
C ALA B 76 -27.56 -10.25 -16.20
N ILE B 77 -27.70 -8.97 -15.86
CA ILE B 77 -28.73 -8.51 -14.92
C ILE B 77 -29.81 -7.85 -15.77
N ASP B 78 -30.83 -8.65 -16.12
CA ASP B 78 -31.73 -8.35 -17.22
C ASP B 78 -32.89 -7.48 -16.73
N THR B 79 -32.90 -6.21 -17.16
CA THR B 79 -33.99 -5.32 -16.76
C THR B 79 -35.31 -5.63 -17.45
N ASP B 80 -35.31 -6.52 -18.45
CA ASP B 80 -36.58 -7.03 -18.96
C ASP B 80 -37.24 -7.98 -17.99
N ARG B 81 -36.48 -8.56 -17.05
CA ARG B 81 -36.99 -9.51 -16.07
C ARG B 81 -37.01 -8.97 -14.65
N PHE B 82 -36.09 -8.05 -14.32
CA PHE B 82 -35.85 -7.65 -12.94
C PHE B 82 -36.08 -6.16 -12.74
N TYR B 83 -36.47 -5.80 -11.52
CA TYR B 83 -36.48 -4.43 -11.04
C TYR B 83 -35.16 -4.23 -10.31
N VAL B 84 -34.25 -3.48 -10.93
CA VAL B 84 -32.88 -3.32 -10.45
C VAL B 84 -32.77 -1.98 -9.76
N ILE B 85 -32.48 -1.98 -8.46
CA ILE B 85 -32.54 -0.77 -7.64
C ILE B 85 -31.20 -0.59 -6.91
N SER B 86 -30.81 0.67 -6.73
CA SER B 86 -29.56 0.95 -6.03
C SER B 86 -29.70 2.23 -5.22
N VAL B 87 -28.94 2.32 -4.12
CA VAL B 87 -29.10 3.36 -3.10
C VAL B 87 -27.73 3.94 -2.73
N ASP B 88 -27.63 5.27 -2.72
CA ASP B 88 -26.46 5.94 -2.15
C ASP B 88 -26.27 5.57 -0.68
N THR B 89 -25.04 5.26 -0.29
CA THR B 89 -24.77 5.03 1.12
C THR B 89 -24.83 6.34 1.90
N LEU B 90 -24.97 6.22 3.21
CA LEU B 90 -24.61 7.32 4.10
C LEU B 90 -23.13 7.64 3.91
N ALA B 91 -22.77 8.88 4.24
CA ALA B 91 -21.39 9.35 4.14
C ALA B 91 -20.80 9.11 2.76
N ASN B 92 -21.62 9.25 1.72
CA ASN B 92 -21.16 8.94 0.37
C ASN B 92 -19.94 9.80 0.04
N LEU B 93 -18.93 9.17 -0.57
CA LEU B 93 -17.67 9.88 -0.82
C LEU B 93 -17.88 11.09 -1.71
N ASN B 94 -18.81 11.00 -2.65
CA ASN B 94 -19.03 12.02 -3.68
C ASN B 94 -20.04 13.06 -3.17
N ALA B 95 -19.69 13.67 -2.04
CA ALA B 95 -20.65 14.45 -1.27
C ALA B 95 -21.11 15.70 -2.00
N TYR B 96 -20.31 16.21 -2.92
CA TYR B 96 -20.62 17.46 -3.61
C TYR B 96 -21.04 17.22 -5.06
N ASP B 97 -21.22 15.97 -5.46
CA ASP B 97 -21.74 15.66 -6.78
C ASP B 97 -23.24 15.94 -6.82
N PRO B 98 -23.73 16.69 -7.81
CA PRO B 98 -25.15 17.05 -7.80
C PRO B 98 -26.09 15.88 -7.98
N HIS B 99 -25.60 14.74 -8.50
CA HIS B 99 -26.43 13.55 -8.67
C HIS B 99 -26.46 12.67 -7.44
N VAL B 100 -25.64 12.93 -6.44
CA VAL B 100 -25.59 12.12 -5.23
C VAL B 100 -26.37 12.83 -4.13
N ILE B 101 -27.17 12.07 -3.39
CA ILE B 101 -27.82 12.59 -2.20
C ILE B 101 -27.41 11.70 -1.04
N THR B 102 -26.91 12.31 0.03
CA THR B 102 -26.44 11.51 1.15
C THR B 102 -26.63 12.29 2.44
N THR B 103 -26.34 11.62 3.54
CA THR B 103 -26.35 12.21 4.87
C THR B 103 -25.08 11.78 5.57
N GLY B 104 -24.42 12.73 6.23
CA GLY B 104 -23.12 12.47 6.82
C GLY B 104 -22.47 13.74 7.31
N PRO B 105 -21.15 13.69 7.54
CA PRO B 105 -20.41 14.86 8.02
C PRO B 105 -20.68 16.17 7.28
N THR B 106 -20.93 16.15 5.96
CA THR B 106 -21.17 17.42 5.29
C THR B 106 -22.57 17.96 5.52
N SER B 107 -23.48 17.15 6.05
CA SER B 107 -24.84 17.60 6.31
C SER B 107 -24.83 18.69 7.37
N ILE B 108 -25.76 19.63 7.23
CA ILE B 108 -25.84 20.75 8.17
C ILE B 108 -26.50 20.27 9.45
N ASN B 109 -25.83 20.51 10.57
CA ASN B 109 -26.43 20.32 11.88
C ASN B 109 -27.38 21.47 12.16
N PRO B 110 -28.68 21.23 12.36
CA PRO B 110 -29.60 22.35 12.63
C PRO B 110 -29.24 23.10 13.90
N ASP B 111 -28.78 22.38 14.92
CA ASP B 111 -28.42 23.00 16.19
C ASP B 111 -27.20 23.90 16.10
N THR B 112 -26.47 23.88 14.97
CA THR B 112 -25.31 24.74 14.79
C THR B 112 -25.31 25.52 13.48
N GLY B 113 -26.04 25.08 12.46
CA GLY B 113 -25.98 25.74 11.17
C GLY B 113 -24.72 25.47 10.38
N LYS B 114 -23.86 24.56 10.85
CA LYS B 114 -22.61 24.21 10.19
C LYS B 114 -22.61 22.71 9.94
N PRO B 115 -21.72 22.19 9.09
CA PRO B 115 -21.63 20.74 8.92
C PRO B 115 -21.39 20.03 10.25
N TYR B 116 -21.94 18.82 10.37
CA TYR B 116 -21.63 17.95 11.51
C TYR B 116 -20.13 17.73 11.65
N GLY B 117 -19.42 17.60 10.54
CA GLY B 117 -18.04 17.19 10.62
C GLY B 117 -17.92 15.87 11.37
N LEU B 118 -16.90 15.77 12.23
CA LEU B 118 -16.71 14.56 13.01
C LEU B 118 -17.64 14.47 14.22
N ASP B 119 -18.64 15.34 14.33
CA ASP B 119 -19.74 15.09 15.25
C ASP B 119 -20.75 14.11 14.69
N PHE B 120 -20.66 13.78 13.40
CA PHE B 120 -21.61 12.85 12.83
C PHE B 120 -21.40 11.45 13.42
N PRO B 121 -22.47 10.69 13.65
CA PRO B 121 -22.31 9.36 14.25
C PRO B 121 -21.51 8.42 13.34
N VAL B 122 -20.72 7.55 13.95
CA VAL B 122 -20.03 6.49 13.22
C VAL B 122 -21.07 5.69 12.45
N VAL B 123 -20.77 5.39 11.18
CA VAL B 123 -21.66 4.56 10.37
C VAL B 123 -20.96 3.24 10.06
N THR B 124 -21.78 2.23 9.79
CA THR B 124 -21.32 0.90 9.46
C THR B 124 -21.97 0.44 8.16
N ILE B 125 -21.40 -0.65 7.61
CA ILE B 125 -22.05 -1.35 6.51
C ILE B 125 -23.49 -1.67 6.85
N ARG B 126 -23.76 -2.07 8.10
CA ARG B 126 -25.12 -2.40 8.52
C ARG B 126 -26.05 -1.21 8.41
N ASP B 127 -25.55 0.00 8.69
CA ASP B 127 -26.40 1.18 8.56
C ASP B 127 -26.82 1.40 7.13
N PHE B 128 -25.89 1.20 6.18
CA PHE B 128 -26.25 1.31 4.77
C PHE B 128 -27.34 0.30 4.42
N VAL B 129 -27.15 -0.95 4.88
CA VAL B 129 -28.10 -2.03 4.66
C VAL B 129 -29.47 -1.64 5.22
N ASN B 130 -29.49 -1.07 6.44
CA ASN B 130 -30.77 -0.76 7.08
C ASN B 130 -31.48 0.40 6.42
N VAL B 131 -30.74 1.37 5.87
CA VAL B 131 -31.39 2.42 5.08
C VAL B 131 -31.98 1.83 3.82
N GLN B 132 -31.21 0.97 3.14
CA GLN B 132 -31.76 0.26 1.98
C GLN B 132 -33.02 -0.51 2.34
N LYS B 133 -33.01 -1.21 3.48
CA LYS B 133 -34.18 -1.96 3.90
C LYS B 133 -35.39 -1.05 4.11
N ALA B 134 -35.19 0.10 4.75
CA ALA B 134 -36.30 1.03 4.96
C ALA B 134 -36.85 1.52 3.63
N LEU B 135 -35.97 1.82 2.66
CA LEU B 135 -36.47 2.22 1.35
C LEU B 135 -37.28 1.10 0.71
N LEU B 136 -36.75 -0.12 0.71
CA LEU B 136 -37.48 -1.24 0.12
C LEU B 136 -38.84 -1.41 0.78
N GLU B 137 -38.90 -1.29 2.10
CA GLU B 137 -40.19 -1.42 2.80
C GLU B 137 -41.15 -0.31 2.38
N SER B 138 -40.64 0.91 2.15
CA SER B 138 -41.50 2.00 1.72
C SER B 138 -42.08 1.75 0.33
N LEU B 139 -41.41 0.91 -0.47
CA LEU B 139 -41.88 0.52 -1.79
C LEU B 139 -42.73 -0.74 -1.77
N GLY B 140 -43.01 -1.30 -0.58
CA GLY B 140 -43.82 -2.50 -0.48
C GLY B 140 -43.07 -3.79 -0.69
N ILE B 141 -41.74 -3.74 -0.84
CA ILE B 141 -40.90 -4.89 -1.10
C ILE B 141 -40.51 -5.54 0.22
N SER B 142 -40.52 -6.88 0.25
CA SER B 142 -40.17 -7.63 1.44
C SER B 142 -39.19 -8.77 1.16
N LYS B 143 -38.71 -8.89 -0.08
CA LYS B 143 -37.76 -9.92 -0.45
C LYS B 143 -36.93 -9.46 -1.63
N LEU B 144 -35.70 -9.97 -1.71
CA LEU B 144 -34.78 -9.65 -2.79
C LEU B 144 -34.47 -10.91 -3.59
N TYR B 145 -34.75 -10.86 -4.89
CA TYR B 145 -34.32 -11.95 -5.77
C TYR B 145 -32.81 -12.11 -5.73
N ALA B 146 -32.07 -11.00 -5.65
CA ALA B 146 -30.63 -11.04 -5.46
C ALA B 146 -30.17 -9.71 -4.88
N VAL B 147 -29.06 -9.75 -4.15
CA VAL B 147 -28.29 -8.55 -3.83
C VAL B 147 -26.89 -8.77 -4.37
N ILE B 148 -26.36 -7.74 -5.05
CA ILE B 148 -25.15 -7.85 -5.86
C ILE B 148 -24.33 -6.58 -5.66
N GLY B 149 -23.04 -6.73 -5.38
CA GLY B 149 -22.21 -5.54 -5.36
C GLY B 149 -20.73 -5.85 -5.36
N PRO B 150 -19.92 -4.88 -5.81
CA PRO B 150 -18.45 -5.02 -5.76
C PRO B 150 -17.81 -4.33 -4.56
N SER B 151 -16.79 -4.94 -3.97
CA SER B 151 -15.91 -4.29 -2.99
C SER B 151 -16.73 -3.88 -1.77
N MET B 152 -16.79 -2.59 -1.40
CA MET B 152 -17.69 -2.22 -0.28
C MET B 152 -19.12 -2.63 -0.57
N GLY B 153 -19.50 -2.69 -1.86
CA GLY B 153 -20.80 -3.22 -2.21
C GLY B 153 -20.95 -4.70 -1.90
N SER B 154 -19.87 -5.48 -2.06
CA SER B 154 -19.95 -6.89 -1.68
C SER B 154 -20.13 -7.04 -0.17
N MET B 155 -19.63 -6.08 0.60
CA MET B 155 -19.80 -6.11 2.04
C MET B 155 -21.26 -5.90 2.42
N GLN B 156 -21.89 -4.90 1.78
CA GLN B 156 -23.32 -4.69 1.99
C GLN B 156 -24.13 -5.91 1.54
N ALA B 157 -23.74 -6.53 0.41
CA ALA B 157 -24.50 -7.66 -0.12
C ALA B 157 -24.49 -8.83 0.83
N ILE B 158 -23.31 -9.21 1.33
CA ILE B 158 -23.24 -10.38 2.19
C ILE B 158 -23.79 -10.07 3.59
N ASP B 159 -23.69 -8.80 4.03
CA ASP B 159 -24.35 -8.46 5.29
C ASP B 159 -25.87 -8.58 5.16
N TRP B 160 -26.44 -8.12 4.04
CA TRP B 160 -27.86 -8.35 3.77
C TRP B 160 -28.22 -9.82 3.94
N ALA B 161 -27.44 -10.70 3.31
CA ALA B 161 -27.77 -12.13 3.30
C ALA B 161 -27.69 -12.73 4.69
N SER B 162 -26.81 -12.22 5.54
CA SER B 162 -26.63 -12.74 6.89
C SER B 162 -27.59 -12.11 7.89
N ALA B 163 -27.82 -10.80 7.78
CA ALA B 163 -28.62 -10.06 8.75
C ALA B 163 -30.10 -10.32 8.58
N TYR B 164 -30.52 -10.50 7.33
CA TYR B 164 -31.94 -10.64 6.99
C TYR B 164 -32.07 -11.89 6.11
N PRO B 165 -31.89 -13.08 6.70
CA PRO B 165 -31.73 -14.29 5.88
C PRO B 165 -32.95 -14.60 5.04
N GLY B 166 -34.15 -14.32 5.53
CA GLY B 166 -35.35 -14.57 4.77
C GLY B 166 -35.62 -13.56 3.68
N TRP B 167 -34.93 -12.42 3.69
CA TRP B 167 -35.08 -11.41 2.65
C TRP B 167 -34.34 -11.77 1.37
N VAL B 168 -33.24 -12.51 1.46
CA VAL B 168 -32.27 -12.58 0.37
C VAL B 168 -32.26 -13.99 -0.23
N GLU B 169 -32.61 -14.10 -1.50
CA GLU B 169 -32.60 -15.39 -2.18
C GLU B 169 -31.23 -15.75 -2.75
N ARG B 170 -30.48 -14.74 -3.21
CA ARG B 170 -29.21 -14.92 -3.92
C ARG B 170 -28.30 -13.76 -3.56
N MET B 171 -27.01 -14.04 -3.42
CA MET B 171 -26.05 -13.01 -3.03
C MET B 171 -24.85 -13.16 -3.94
N ILE B 172 -24.52 -12.09 -4.70
CA ILE B 172 -23.33 -12.06 -5.53
C ILE B 172 -22.35 -11.05 -4.96
N SER B 173 -21.15 -11.52 -4.67
CA SER B 173 -20.06 -10.72 -4.14
C SER B 173 -19.00 -10.61 -5.21
N VAL B 174 -18.65 -9.39 -5.62
CA VAL B 174 -17.63 -9.17 -6.64
C VAL B 174 -16.47 -8.43 -5.98
N ILE B 175 -15.23 -8.76 -6.37
CA ILE B 175 -13.98 -8.23 -5.81
C ILE B 175 -14.14 -7.94 -4.32
N GLY B 176 -14.51 -8.98 -3.58
CA GLY B 176 -15.17 -8.77 -2.30
C GLY B 176 -14.51 -9.40 -1.09
N ALA B 177 -15.28 -9.46 0.00
CA ALA B 177 -14.77 -9.93 1.28
C ALA B 177 -15.94 -10.30 2.17
N GLY B 178 -15.70 -11.27 3.06
CA GLY B 178 -16.65 -11.55 4.12
C GLY B 178 -16.41 -10.79 5.40
N GLN B 179 -15.23 -10.17 5.52
CA GLN B 179 -14.89 -9.36 6.67
C GLN B 179 -13.74 -8.46 6.27
N SER B 180 -13.54 -7.39 7.04
CA SER B 180 -12.26 -6.69 7.04
C SER B 180 -11.38 -7.36 8.08
N ASP B 181 -10.44 -8.20 7.63
CA ASP B 181 -9.54 -8.82 8.60
C ASP B 181 -8.55 -7.77 9.13
N ALA B 182 -7.67 -8.20 10.05
CA ALA B 182 -6.73 -7.25 10.64
C ALA B 182 -5.86 -6.59 9.56
N TRP B 183 -5.47 -7.38 8.55
CA TRP B 183 -4.69 -6.80 7.44
C TRP B 183 -5.46 -5.70 6.74
N THR B 184 -6.73 -5.96 6.40
CA THR B 184 -7.51 -4.99 5.63
C THR B 184 -7.82 -3.75 6.47
N THR B 185 -8.10 -3.95 7.75
CA THR B 185 -8.38 -2.78 8.60
C THR B 185 -7.15 -1.89 8.70
N ALA B 186 -5.96 -2.48 8.88
CA ALA B 186 -4.75 -1.66 8.86
C ALA B 186 -4.52 -1.02 7.49
N ALA B 187 -4.74 -1.78 6.40
CA ALA B 187 -4.51 -1.23 5.07
C ALA B 187 -5.38 0.01 4.82
N LEU B 188 -6.64 -0.03 5.26
CA LEU B 188 -7.54 1.09 5.04
C LEU B 188 -7.16 2.30 5.89
N GLU B 189 -6.52 2.07 7.03
CA GLU B 189 -6.13 3.19 7.86
C GLU B 189 -5.20 4.14 7.12
N HIS B 190 -4.40 3.62 6.19
CA HIS B 190 -3.47 4.49 5.45
C HIS B 190 -4.21 5.41 4.49
N TRP B 191 -5.46 5.07 4.14
CA TRP B 191 -6.30 6.00 3.38
C TRP B 191 -6.73 7.17 4.23
N ALA B 192 -6.83 6.98 5.54
CA ALA B 192 -7.32 8.02 6.45
C ALA B 192 -6.21 8.95 6.92
N THR B 193 -5.01 8.42 7.17
CA THR B 193 -4.01 9.25 7.84
C THR B 193 -3.61 10.50 7.05
N PRO B 194 -3.53 10.51 5.72
CA PRO B 194 -3.15 11.77 5.04
C PRO B 194 -4.12 12.91 5.28
N ILE B 195 -5.42 12.62 5.37
CA ILE B 195 -6.40 13.67 5.67
C ILE B 195 -6.17 14.21 7.08
N THR B 196 -5.87 13.33 8.05
CA THR B 196 -5.69 13.80 9.41
C THR B 196 -4.43 14.64 9.57
N LEU B 197 -3.50 14.55 8.62
CA LEU B 197 -2.26 15.31 8.67
C LEU B 197 -2.35 16.65 7.97
N ASP B 198 -3.37 16.87 7.15
CA ASP B 198 -3.51 18.11 6.40
C ASP B 198 -3.90 19.24 7.35
N LYS B 199 -3.11 20.33 7.32
CA LYS B 199 -3.31 21.44 8.26
C LYS B 199 -4.69 22.08 8.15
N ASN B 200 -5.39 21.91 7.03
CA ASN B 200 -6.73 22.47 6.89
C ASN B 200 -7.82 21.57 7.45
N TRP B 201 -7.49 20.33 7.83
CA TRP B 201 -8.54 19.43 8.31
C TRP B 201 -9.23 19.99 9.55
N ASN B 202 -8.45 20.60 10.46
CA ASN B 202 -9.01 21.20 11.66
C ASN B 202 -9.91 20.23 12.41
N ASN B 203 -9.44 18.98 12.54
CA ASN B 203 -10.16 17.95 13.29
C ASN B 203 -11.57 17.75 12.77
N GLY B 204 -11.78 17.99 11.47
CA GLY B 204 -13.04 17.74 10.82
C GLY B 204 -13.91 18.96 10.64
N ALA B 205 -13.55 20.10 11.23
CA ALA B 205 -14.41 21.28 11.27
C ALA B 205 -14.16 22.25 10.12
N TYR B 206 -13.54 21.81 9.03
CA TYR B 206 -13.18 22.71 7.95
C TYR B 206 -14.41 23.20 7.18
N SER B 207 -14.27 24.38 6.57
CA SER B 207 -15.25 24.87 5.63
C SER B 207 -14.95 24.32 4.24
N LYS B 208 -15.99 24.27 3.40
CA LYS B 208 -15.81 23.79 2.04
C LYS B 208 -14.74 24.57 1.30
N GLU B 209 -14.62 25.88 1.57
CA GLU B 209 -13.68 26.73 0.86
C GLU B 209 -12.25 26.61 1.36
N GLN B 210 -12.04 26.01 2.53
CA GLN B 210 -10.70 25.77 3.09
C GLN B 210 -10.56 24.30 3.45
N ALA B 211 -10.93 23.44 2.51
CA ALA B 211 -10.92 22.01 2.73
C ALA B 211 -9.49 21.46 2.70
N PRO B 212 -9.28 20.28 3.31
CA PRO B 212 -7.96 19.61 3.26
C PRO B 212 -7.76 18.92 1.91
N LEU B 213 -7.59 19.75 0.87
CA LEU B 213 -7.55 19.23 -0.49
C LEU B 213 -6.29 18.41 -0.74
N ASN B 214 -5.16 18.80 -0.14
CA ASN B 214 -3.93 18.06 -0.37
C ASN B 214 -3.96 16.70 0.30
N GLY B 215 -4.51 16.64 1.52
CA GLY B 215 -4.62 15.36 2.19
C GLY B 215 -5.59 14.45 1.48
N LEU B 216 -6.73 15.00 1.03
CA LEU B 216 -7.69 14.22 0.27
C LEU B 216 -7.08 13.69 -1.03
N ALA B 217 -6.33 14.53 -1.75
CA ALA B 217 -5.66 14.05 -2.96
C ALA B 217 -4.66 12.95 -2.64
N ALA B 218 -3.90 13.11 -1.55
CA ALA B 218 -2.96 12.06 -1.14
C ALA B 218 -3.66 10.75 -0.85
N SER B 219 -4.78 10.80 -0.14
CA SER B 219 -5.59 9.60 0.07
C SER B 219 -5.98 8.97 -1.26
N LEU B 220 -6.47 9.79 -2.20
CA LEU B 220 -6.92 9.23 -3.47
C LEU B 220 -5.75 8.70 -4.30
N MET B 221 -4.55 9.26 -4.15
CA MET B 221 -3.39 8.67 -4.82
C MET B 221 -3.15 7.25 -4.36
N LEU B 222 -3.24 7.02 -3.06
CA LEU B 222 -3.03 5.67 -2.52
C LEU B 222 -4.17 4.73 -2.89
N ILE B 223 -5.42 5.19 -2.78
CA ILE B 223 -6.58 4.40 -3.19
C ILE B 223 -6.46 3.99 -4.65
N THR B 224 -6.14 4.96 -5.51
CA THR B 224 -6.03 4.69 -6.95
C THR B 224 -5.00 3.61 -7.22
N GLN B 225 -3.82 3.71 -6.59
CA GLN B 225 -2.79 2.72 -6.87
C GLN B 225 -3.13 1.36 -6.24
N ASN B 226 -3.64 1.36 -5.00
CA ASN B 226 -4.00 0.11 -4.34
C ASN B 226 -4.97 -0.71 -5.17
N ALA B 227 -5.84 -0.04 -5.92
CA ALA B 227 -6.88 -0.71 -6.67
C ALA B 227 -6.45 -1.14 -8.05
N LEU B 228 -5.18 -0.93 -8.40
CA LEU B 228 -4.67 -1.29 -9.73
C LEU B 228 -3.51 -2.29 -9.60
N THR B 229 -2.59 -2.33 -10.55
CA THR B 229 -1.55 -3.35 -10.59
C THR B 229 -0.25 -2.77 -11.11
N PRO B 230 0.88 -3.44 -10.84
CA PRO B 230 2.14 -3.06 -11.50
C PRO B 230 2.03 -3.00 -13.00
N SER B 231 1.37 -3.97 -13.64
CA SER B 231 1.22 -3.95 -15.08
C SER B 231 0.57 -2.66 -15.56
N PHE B 232 -0.51 -2.25 -14.89
CA PHE B 232 -1.17 -1.01 -15.29
C PHE B 232 -0.24 0.19 -15.14
N PHE B 233 0.45 0.27 -14.02
CA PHE B 233 1.31 1.44 -13.81
C PHE B 233 2.47 1.44 -14.80
N ASN B 234 3.02 0.26 -15.11
CA ASN B 234 4.18 0.23 -15.99
C ASN B 234 3.79 0.53 -17.43
N GLN B 235 2.61 0.06 -17.86
CA GLN B 235 2.12 0.43 -19.18
C GLN B 235 1.79 1.92 -19.25
N THR B 236 1.18 2.46 -18.20
CA THR B 236 0.99 3.91 -18.12
C THR B 236 2.31 4.64 -18.20
N GLY B 237 3.32 4.17 -17.46
CA GLY B 237 4.62 4.80 -17.52
C GLY B 237 5.20 4.78 -18.93
N ASN B 238 5.00 3.67 -19.65
CA ASN B 238 5.50 3.59 -21.01
C ASN B 238 4.90 4.69 -21.88
N THR B 239 3.58 4.89 -21.78
CA THR B 239 2.92 5.96 -22.52
C THR B 239 3.47 7.32 -22.14
N LEU B 240 3.79 7.52 -20.86
CA LEU B 240 4.35 8.78 -20.40
C LEU B 240 5.82 8.97 -20.74
N GLY B 241 6.51 7.93 -21.16
CA GLY B 241 7.95 8.02 -21.30
C GLY B 241 8.70 7.99 -20.00
N TYR B 242 8.11 7.40 -18.96
CA TYR B 242 8.76 7.30 -17.66
C TYR B 242 10.13 6.65 -17.77
N LYS B 243 11.09 7.18 -17.00
CA LYS B 243 12.35 6.49 -16.77
C LYS B 243 12.85 6.85 -15.38
N ASN B 244 13.86 6.13 -14.93
CA ASN B 244 14.34 6.35 -13.56
C ASN B 244 15.12 7.65 -13.45
N VAL B 245 16.07 7.88 -14.35
CA VAL B 245 16.91 9.06 -14.21
C VAL B 245 16.26 10.20 -14.99
N GLU B 246 15.17 10.73 -14.44
CA GLU B 246 14.53 11.91 -15.00
C GLU B 246 15.19 13.15 -14.41
N SER B 247 15.42 14.14 -15.27
CA SER B 247 16.20 15.30 -14.86
C SER B 247 15.53 16.08 -13.73
N ALA B 248 14.21 16.24 -13.78
CA ALA B 248 13.56 17.09 -12.77
C ALA B 248 13.69 16.51 -11.36
N PRO B 249 13.34 15.25 -11.09
CA PRO B 249 13.51 14.73 -9.73
C PRO B 249 14.97 14.48 -9.36
N LEU B 250 15.88 14.34 -10.33
CA LEU B 250 17.30 14.26 -10.00
C LEU B 250 17.84 15.61 -9.54
N ASN B 251 17.38 16.70 -10.15
CA ASN B 251 17.92 18.02 -9.88
C ASN B 251 17.23 18.72 -8.72
N ASP B 252 16.02 18.30 -8.35
CA ASP B 252 15.20 19.05 -7.40
C ASP B 252 14.42 18.07 -6.53
N ILE B 253 14.76 18.03 -5.23
CA ILE B 253 14.06 17.17 -4.29
C ILE B 253 12.56 17.45 -4.24
N ARG B 254 12.13 18.65 -4.64
CA ARG B 254 10.73 19.02 -4.60
C ARG B 254 9.98 18.74 -5.90
N GLN B 255 10.68 18.36 -6.97
CA GLN B 255 10.00 17.91 -8.18
C GLN B 255 9.88 16.39 -8.17
N SER B 256 8.93 15.88 -8.95
CA SER B 256 8.56 14.46 -8.92
C SER B 256 8.79 13.81 -10.26
N HIS B 257 8.74 12.47 -10.25
CA HIS B 257 8.79 11.68 -11.47
C HIS B 257 7.49 11.83 -12.25
N SER B 258 7.59 11.56 -13.55
CA SER B 258 6.43 11.61 -14.45
C SER B 258 5.26 10.81 -13.90
N ILE B 259 5.51 9.56 -13.48
CA ILE B 259 4.41 8.71 -13.02
C ILE B 259 3.77 9.27 -11.77
N VAL B 260 4.54 9.95 -10.92
CA VAL B 260 3.98 10.55 -9.71
C VAL B 260 3.11 11.74 -10.07
N ASN B 261 3.57 12.58 -11.01
CA ASN B 261 2.77 13.71 -11.46
C ASN B 261 1.45 13.22 -12.07
N TRP B 262 1.50 12.16 -12.89
CA TRP B 262 0.30 11.58 -13.46
C TRP B 262 -0.67 11.14 -12.36
N LEU B 263 -0.16 10.43 -11.36
CA LEU B 263 -1.02 9.90 -10.30
C LEU B 263 -1.61 11.02 -9.46
N ARG B 264 -0.80 12.04 -9.17
CA ARG B 264 -1.32 13.17 -8.39
C ARG B 264 -2.44 13.87 -9.14
N GLU B 265 -2.24 14.14 -10.44
CA GLU B 265 -3.28 14.80 -11.21
C GLU B 265 -4.52 13.93 -11.35
N ARG B 266 -4.34 12.62 -11.52
CA ARG B 266 -5.48 11.72 -11.58
C ARG B 266 -6.27 11.76 -10.30
N ALA B 267 -5.58 11.75 -9.16
CA ALA B 267 -6.24 11.78 -7.86
C ALA B 267 -6.97 13.10 -7.64
N LYS B 268 -6.33 14.23 -8.01
CA LYS B 268 -6.98 15.53 -7.86
C LYS B 268 -8.24 15.60 -8.71
N THR B 269 -8.21 15.02 -9.90
CA THR B 269 -9.38 14.99 -10.76
C THR B 269 -10.48 14.11 -10.17
N ARG B 270 -10.12 12.93 -9.65
CA ARG B 270 -11.12 12.08 -9.02
C ARG B 270 -11.76 12.78 -7.83
N ALA B 271 -11.00 13.60 -7.10
CA ALA B 271 -11.43 14.09 -5.81
C ALA B 271 -12.23 15.38 -5.89
N LYS B 272 -12.48 15.89 -7.10
CA LYS B 272 -13.05 17.22 -7.28
C LYS B 272 -14.32 17.43 -6.46
N SER B 273 -15.23 16.46 -6.48
CA SER B 273 -16.51 16.57 -5.79
C SER B 273 -16.61 15.65 -4.57
N MET B 274 -15.47 15.20 -4.06
CA MET B 274 -15.45 14.32 -2.90
C MET B 274 -15.22 15.11 -1.62
N ASP B 275 -15.57 14.48 -0.50
CA ASP B 275 -15.36 15.08 0.82
C ASP B 275 -14.44 14.24 1.68
N ALA B 276 -13.50 14.92 2.35
CA ALA B 276 -12.48 14.25 3.14
C ALA B 276 -13.05 13.53 4.36
N ASN B 277 -13.92 14.20 5.14
CA ASN B 277 -14.53 13.53 6.29
C ASN B 277 -15.32 12.30 5.84
N HIS B 278 -16.04 12.41 4.72
CA HIS B 278 -16.79 11.23 4.26
C HIS B 278 -15.87 10.06 3.99
N LEU B 279 -14.69 10.33 3.40
CA LEU B 279 -13.71 9.27 3.21
C LEU B 279 -13.35 8.61 4.55
N LEU B 280 -13.11 9.42 5.59
CA LEU B 280 -12.78 8.86 6.90
C LEU B 280 -13.90 7.99 7.44
N TYR B 281 -15.15 8.42 7.24
CA TYR B 281 -16.27 7.64 7.74
C TYR B 281 -16.48 6.35 6.97
N LEU B 282 -16.21 6.36 5.65
CA LEU B 282 -16.31 5.12 4.89
C LEU B 282 -15.19 4.16 5.24
N VAL B 283 -13.97 4.67 5.45
CA VAL B 283 -12.91 3.83 5.98
C VAL B 283 -13.37 3.14 7.27
N ARG B 284 -13.95 3.90 8.20
CA ARG B 284 -14.34 3.29 9.47
C ARG B 284 -15.46 2.27 9.30
N ALA B 285 -16.42 2.54 8.42
CA ALA B 285 -17.47 1.55 8.14
C ALA B 285 -16.86 0.25 7.64
N CYS B 286 -15.88 0.34 6.73
CA CYS B 286 -15.26 -0.86 6.20
C CYS B 286 -14.46 -1.59 7.28
N GLN B 287 -13.80 -0.83 8.17
CA GLN B 287 -12.98 -1.45 9.21
C GLN B 287 -13.82 -2.23 10.21
N LEU B 288 -15.05 -1.79 10.45
CA LEU B 288 -15.98 -2.46 11.35
C LEU B 288 -16.72 -3.62 10.69
N PHE B 289 -16.45 -3.94 9.43
CA PHE B 289 -17.32 -4.85 8.70
C PHE B 289 -16.98 -6.33 8.95
N VAL B 290 -18.00 -7.09 9.30
CA VAL B 290 -18.00 -8.54 9.12
C VAL B 290 -19.42 -8.92 8.74
N ALA B 291 -19.56 -9.88 7.82
CA ALA B 291 -20.88 -10.31 7.38
C ALA B 291 -21.75 -10.66 8.57
N GLY B 292 -22.90 -9.98 8.70
CA GLY B 292 -23.81 -10.22 9.80
C GLY B 292 -23.50 -9.44 11.07
N HIS B 293 -22.31 -8.84 11.17
CA HIS B 293 -21.95 -8.01 12.33
C HIS B 293 -22.29 -8.69 13.65
N GLN B 294 -21.96 -9.98 13.73
CA GLN B 294 -22.03 -10.74 14.98
C GLN B 294 -20.58 -10.89 15.45
N GLY B 295 -20.31 -11.92 16.27
CA GLY B 295 -19.02 -12.01 16.92
C GLY B 295 -17.82 -12.31 16.05
N ASN B 296 -18.05 -12.93 14.89
CA ASN B 296 -16.96 -13.31 13.98
C ASN B 296 -17.57 -13.70 12.65
N LEU B 297 -16.71 -14.01 11.69
CA LEU B 297 -17.18 -14.37 10.35
C LEU B 297 -17.97 -15.66 10.35
N GLU B 298 -17.53 -16.67 11.13
CA GLU B 298 -18.22 -17.95 11.12
C GLU B 298 -19.67 -17.81 11.55
N GLN B 299 -19.93 -16.99 12.58
CA GLN B 299 -21.31 -16.76 13.02
C GLN B 299 -22.13 -16.11 11.93
N GLY B 300 -21.56 -15.10 11.26
CA GLY B 300 -22.30 -14.43 10.20
C GLY B 300 -22.58 -15.35 9.04
N LEU B 301 -21.60 -16.18 8.66
CA LEU B 301 -21.82 -17.11 7.55
C LEU B 301 -22.89 -18.14 7.90
N ALA B 302 -22.92 -18.58 9.16
CA ALA B 302 -23.91 -19.58 9.57
C ALA B 302 -25.35 -19.09 9.41
N SER B 303 -25.57 -17.79 9.37
CA SER B 303 -26.92 -17.26 9.22
C SER B 303 -27.38 -17.18 7.76
N ILE B 304 -26.48 -17.29 6.79
CA ILE B 304 -26.83 -17.08 5.40
C ILE B 304 -27.61 -18.28 4.87
N LYS B 305 -28.78 -18.01 4.30
CA LYS B 305 -29.56 -19.02 3.60
C LYS B 305 -29.50 -18.89 2.08
N ALA B 306 -29.27 -17.68 1.58
CA ALA B 306 -29.16 -17.43 0.16
C ALA B 306 -28.07 -18.29 -0.47
N LYS B 307 -28.29 -18.70 -1.72
CA LYS B 307 -27.16 -19.21 -2.48
C LYS B 307 -26.22 -18.05 -2.82
N THR B 308 -24.94 -18.37 -2.92
CA THR B 308 -23.91 -17.34 -2.99
C THR B 308 -22.98 -17.55 -4.18
N LEU B 309 -22.53 -16.44 -4.75
CA LEU B 309 -21.56 -16.42 -5.83
C LEU B 309 -20.48 -15.40 -5.49
N PHE B 310 -19.22 -15.81 -5.56
CA PHE B 310 -18.10 -14.92 -5.29
C PHE B 310 -17.28 -14.75 -6.55
N ILE B 311 -16.89 -13.51 -6.84
CA ILE B 311 -16.12 -13.22 -8.04
C ILE B 311 -14.91 -12.33 -7.70
N PRO B 312 -13.90 -12.89 -7.05
CA PRO B 312 -12.66 -12.13 -6.82
C PRO B 312 -11.93 -11.87 -8.12
N ALA B 313 -11.01 -10.91 -8.08
CA ALA B 313 -10.08 -10.70 -9.18
C ALA B 313 -8.72 -11.27 -8.78
N GLN B 314 -8.17 -12.12 -9.65
CA GLN B 314 -6.90 -12.80 -9.37
C GLN B 314 -5.79 -11.83 -9.02
N THR B 315 -5.75 -10.69 -9.70
CA THR B 315 -4.68 -9.71 -9.54
C THR B 315 -5.02 -8.62 -8.53
N ASP B 316 -6.08 -8.78 -7.75
CA ASP B 316 -6.49 -7.77 -6.78
C ASP B 316 -5.46 -7.68 -5.66
N LEU B 317 -4.90 -6.50 -5.46
CA LEU B 317 -3.96 -6.27 -4.38
C LEU B 317 -4.60 -5.58 -3.19
N LEU B 318 -5.88 -5.24 -3.29
CA LEU B 318 -6.58 -4.45 -2.28
C LEU B 318 -7.47 -5.32 -1.40
N LEU B 319 -8.48 -5.96 -1.98
CA LEU B 319 -9.21 -7.06 -1.36
C LEU B 319 -8.73 -8.31 -2.09
N MET B 320 -7.70 -8.95 -1.54
CA MET B 320 -7.06 -10.03 -2.25
C MET B 320 -7.99 -11.24 -2.35
N PRO B 321 -7.72 -12.13 -3.31
CA PRO B 321 -8.63 -13.27 -3.52
C PRO B 321 -8.84 -14.12 -2.30
N TYR B 322 -7.88 -14.21 -1.37
CA TYR B 322 -8.05 -15.07 -0.21
C TYR B 322 -9.27 -14.66 0.61
N LEU B 323 -9.65 -13.37 0.59
CA LEU B 323 -10.83 -12.95 1.32
C LEU B 323 -12.09 -13.58 0.75
N SER B 324 -12.20 -13.65 -0.58
CA SER B 324 -13.33 -14.33 -1.20
C SER B 324 -13.27 -15.82 -0.96
N GLN B 325 -12.08 -16.41 -1.10
CA GLN B 325 -11.92 -17.84 -0.82
C GLN B 325 -12.33 -18.19 0.60
N SER B 326 -11.97 -17.33 1.56
CA SER B 326 -12.31 -17.57 2.96
C SER B 326 -13.81 -17.65 3.17
N ALA B 327 -14.55 -16.69 2.64
CA ALA B 327 -15.99 -16.68 2.81
C ALA B 327 -16.64 -17.84 2.05
N HIS B 328 -16.19 -18.10 0.83
CA HIS B 328 -16.72 -19.19 0.03
C HIS B 328 -16.50 -20.55 0.68
N GLN B 329 -15.32 -20.80 1.22
CA GLN B 329 -15.03 -22.06 1.88
C GLN B 329 -15.80 -22.22 3.18
N GLY B 330 -15.89 -21.15 3.93
CA GLY B 330 -16.73 -21.21 5.13
C GLY B 330 -18.15 -21.61 4.79
N LEU B 331 -18.73 -21.00 3.75
CA LEU B 331 -20.08 -21.33 3.35
C LEU B 331 -20.18 -22.75 2.82
N THR B 332 -19.20 -23.17 2.01
CA THR B 332 -19.20 -24.55 1.50
C THR B 332 -19.18 -25.55 2.64
N SER B 333 -18.41 -25.29 3.70
CA SER B 333 -18.33 -26.25 4.79
C SER B 333 -19.62 -26.30 5.60
N MET B 334 -20.46 -25.27 5.50
CA MET B 334 -21.77 -25.24 6.14
C MET B 334 -22.89 -25.73 5.24
N ASN B 335 -22.56 -26.31 4.09
CA ASN B 335 -23.50 -26.82 3.10
C ASN B 335 -24.34 -25.73 2.45
N ASN B 336 -23.84 -24.50 2.44
CA ASN B 336 -24.42 -23.46 1.61
C ASN B 336 -24.12 -23.74 0.14
N ASP B 337 -25.07 -23.39 -0.73
CA ASP B 337 -24.89 -23.46 -2.18
C ASP B 337 -24.02 -22.28 -2.59
N SER B 338 -22.71 -22.52 -2.68
CA SER B 338 -21.74 -21.45 -2.90
C SER B 338 -20.86 -21.77 -4.09
N THR B 339 -20.62 -20.75 -4.91
CA THR B 339 -19.83 -20.85 -6.13
C THR B 339 -18.78 -19.74 -6.13
N LEU B 340 -17.61 -20.02 -6.69
CA LEU B 340 -16.57 -19.00 -6.86
C LEU B 340 -15.99 -19.10 -8.25
N VAL B 341 -15.95 -17.96 -8.97
CA VAL B 341 -15.27 -17.83 -10.24
C VAL B 341 -14.40 -16.59 -10.16
N THR B 342 -13.47 -16.44 -11.11
CA THR B 342 -12.48 -15.38 -10.98
C THR B 342 -12.41 -14.46 -12.19
N LEU B 343 -12.24 -13.18 -11.92
CA LEU B 343 -11.79 -12.23 -12.93
C LEU B 343 -10.28 -12.31 -13.04
N ASN B 344 -9.78 -12.36 -14.27
CA ASN B 344 -8.37 -12.66 -14.48
C ASN B 344 -7.63 -11.55 -15.21
N GLY B 345 -8.28 -10.41 -15.47
CA GLY B 345 -7.64 -9.32 -16.18
C GLY B 345 -6.54 -8.70 -15.34
N LYS B 346 -5.90 -7.66 -15.87
CA LYS B 346 -4.73 -7.06 -15.26
C LYS B 346 -4.98 -5.68 -14.63
N LEU B 347 -6.24 -5.28 -14.43
CA LEU B 347 -6.58 -4.04 -13.72
C LEU B 347 -6.74 -4.25 -12.21
N GLY B 348 -6.46 -5.46 -11.72
CA GLY B 348 -6.50 -5.71 -10.30
C GLY B 348 -7.90 -5.51 -9.75
N HIS B 349 -7.99 -4.83 -8.60
CA HIS B 349 -9.29 -4.55 -7.99
C HIS B 349 -10.26 -3.93 -8.98
N ASP B 350 -9.77 -3.04 -9.84
CA ASP B 350 -10.68 -2.34 -10.74
C ASP B 350 -11.27 -3.25 -11.82
N GLU B 351 -10.79 -4.48 -11.97
CA GLU B 351 -11.46 -5.42 -12.87
C GLU B 351 -12.93 -5.57 -12.49
N GLY B 352 -13.24 -5.54 -11.19
CA GLY B 352 -14.60 -5.77 -10.76
C GLY B 352 -15.54 -4.62 -10.98
N VAL B 353 -15.02 -3.42 -11.20
CA VAL B 353 -15.83 -2.24 -11.50
C VAL B 353 -15.93 -2.02 -13.00
N THR B 354 -14.79 -1.98 -13.69
CA THR B 354 -14.75 -1.59 -15.10
C THR B 354 -14.86 -2.77 -16.07
N ASN B 355 -14.61 -4.00 -15.62
CA ASN B 355 -14.53 -5.13 -16.52
C ASN B 355 -15.30 -6.35 -15.98
N VAL B 356 -16.37 -6.11 -15.22
CA VAL B 356 -17.14 -7.19 -14.63
C VAL B 356 -17.80 -8.04 -15.72
N SER B 357 -18.02 -7.49 -16.91
CA SER B 357 -18.64 -8.28 -17.98
C SER B 357 -17.80 -9.47 -18.40
N ALA B 358 -16.54 -9.57 -17.97
CA ALA B 358 -15.75 -10.76 -18.26
C ALA B 358 -16.33 -12.01 -17.60
N GLN B 359 -17.11 -11.84 -16.53
CA GLN B 359 -17.85 -12.94 -15.91
C GLN B 359 -19.35 -12.72 -16.01
N ALA B 360 -19.80 -12.07 -17.09
CA ALA B 360 -21.23 -11.86 -17.28
C ALA B 360 -21.98 -13.19 -17.33
N GLN B 361 -21.40 -14.22 -17.95
CA GLN B 361 -22.14 -15.47 -18.07
C GLN B 361 -22.30 -16.15 -16.72
N ALA B 362 -21.30 -16.06 -15.83
CA ALA B 362 -21.45 -16.63 -14.49
C ALA B 362 -22.59 -15.94 -13.75
N ILE B 363 -22.70 -14.62 -13.89
CA ILE B 363 -23.76 -13.86 -13.26
C ILE B 363 -25.11 -14.24 -13.86
N ARG B 364 -25.17 -14.29 -15.19
CA ARG B 364 -26.43 -14.63 -15.86
C ARG B 364 -26.91 -16.01 -15.44
N GLN B 365 -26.01 -17.00 -15.43
CA GLN B 365 -26.40 -18.36 -15.06
C GLN B 365 -26.87 -18.42 -13.61
N PHE B 366 -26.22 -17.64 -12.74
CA PHE B 366 -26.58 -17.62 -11.33
C PHE B 366 -27.98 -17.07 -11.11
N LEU B 367 -28.38 -16.10 -11.93
CA LEU B 367 -29.69 -15.47 -11.79
C LEU B 367 -30.79 -16.19 -12.56
N GLU B 368 -30.47 -17.25 -13.30
CA GLU B 368 -31.53 -17.92 -14.05
C GLU B 368 -32.44 -18.70 -13.11
N ASN B 369 -33.67 -18.92 -13.57
CA ASN B 369 -34.79 -19.60 -12.88
C ASN B 369 -35.66 -18.56 -12.16
#